data_1XWK
#
_entry.id   1XWK
#
_cell.length_a   175.830
_cell.length_b   51.940
_cell.length_c   93.840
_cell.angle_alpha   90.00
_cell.angle_beta   121.08
_cell.angle_gamma   90.00
#
_symmetry.space_group_name_H-M   'C 1 2 1'
#
loop_
_entity.id
_entity.type
_entity.pdbx_description
1 polymer 'Glutathione S-transferase Mu 1'
2 non-polymer 'GLUTATHIONE S-(2,4 DINITROBENZENE)'
3 water water
#
_entity_poly.entity_id   1
_entity_poly.type   'polypeptide(L)'
_entity_poly.pdbx_seq_one_letter_code
;MPMILGYWDIRGLAHAIRLLLEYTDSSYEEKKYTMGDAPDYDRSQWLNEKFKLGLDFPNLPYLIDGAHKITQSNAILCYI
ARKHNLCGETEEEKIRVDILENQTMDNHMQLGMICYNPEFEKLKPKYLEELPEKLKLYSEFLGKRPWFAGNKITFVDFLV
YDVLDLHRIFEPKCLDAFPNLKDFISRFEGLEKISAYMKSSRFLPRPVFSKMAVWGNK
;
_entity_poly.pdbx_strand_id   A,B,C
#
loop_
_chem_comp.id
_chem_comp.type
_chem_comp.name
_chem_comp.formula
GDN non-polymer 'GLUTATHIONE S-(2,4 DINITROBENZENE)' 'C16 H19 N5 O10 S'
#
# COMPACT_ATOMS: atom_id res chain seq x y z
N PRO A 2 3.43 3.58 14.54
CA PRO A 2 3.73 2.50 13.57
C PRO A 2 2.45 1.85 13.07
N MET A 3 2.48 1.36 11.84
CA MET A 3 1.32 0.70 11.25
C MET A 3 1.01 -0.55 12.05
N ILE A 4 -0.23 -1.03 11.97
CA ILE A 4 -0.63 -2.23 12.69
C ILE A 4 -1.46 -3.16 11.81
N LEU A 5 -0.93 -4.36 11.60
CA LEU A 5 -1.58 -5.37 10.77
C LEU A 5 -2.37 -6.37 11.60
N GLY A 6 -3.69 -6.40 11.41
CA GLY A 6 -4.55 -7.34 12.12
C GLY A 6 -4.81 -8.59 11.30
N TYR A 7 -4.71 -9.76 11.93
CA TYR A 7 -4.98 -11.02 11.25
C TYR A 7 -5.03 -12.11 12.29
N TRP A 8 -5.33 -13.32 11.83
CA TRP A 8 -5.38 -14.46 12.72
C TRP A 8 -3.93 -14.80 13.04
N ASP A 9 -3.73 -15.60 14.08
CA ASP A 9 -2.40 -16.00 14.49
C ASP A 9 -1.92 -17.10 13.55
N ILE A 10 -2.03 -16.87 12.25
CA ILE A 10 -1.62 -17.86 11.24
C ILE A 10 -0.94 -17.17 10.06
N ARG A 11 -0.54 -17.97 9.07
CA ARG A 11 0.09 -17.45 7.86
C ARG A 11 -1.02 -16.85 6.98
N GLY A 12 -1.71 -17.74 6.25
CA GLY A 12 -2.80 -17.33 5.39
C GLY A 12 -2.54 -16.22 4.40
N LEU A 13 -3.46 -15.25 4.41
CA LEU A 13 -3.43 -14.10 3.51
C LEU A 13 -2.45 -13.02 3.91
N ALA A 14 -2.16 -12.92 5.21
CA ALA A 14 -1.23 -11.91 5.69
C ALA A 14 0.22 -12.19 5.30
N HIS A 15 0.48 -13.39 4.81
CA HIS A 15 1.84 -13.73 4.47
C HIS A 15 2.50 -12.73 3.53
N ALA A 16 1.99 -12.62 2.31
CA ALA A 16 2.56 -11.69 1.33
C ALA A 16 2.70 -10.28 1.90
N ILE A 17 1.73 -9.84 2.69
CA ILE A 17 1.78 -8.52 3.29
C ILE A 17 2.96 -8.41 4.27
N ARG A 18 3.08 -9.40 5.14
CA ARG A 18 4.17 -9.42 6.12
C ARG A 18 5.49 -9.34 5.38
N LEU A 19 5.64 -10.17 4.36
CA LEU A 19 6.85 -10.17 3.57
C LEU A 19 7.10 -8.78 2.96
N LEU A 20 6.07 -8.18 2.37
CA LEU A 20 6.22 -6.88 1.76
C LEU A 20 6.61 -5.83 2.78
N LEU A 21 5.90 -5.81 3.89
CA LEU A 21 6.18 -4.87 4.96
C LEU A 21 7.65 -4.97 5.38
N GLU A 22 8.17 -6.18 5.38
CA GLU A 22 9.55 -6.43 5.77
C GLU A 22 10.50 -5.93 4.71
N TYR A 23 10.19 -6.25 3.45
CA TYR A 23 11.03 -5.84 2.33
C TYR A 23 11.15 -4.33 2.23
N THR A 24 10.10 -3.63 2.64
CA THR A 24 10.05 -2.19 2.58
C THR A 24 10.51 -1.50 3.86
N ASP A 25 10.99 -2.28 4.82
CA ASP A 25 11.44 -1.74 6.10
C ASP A 25 10.37 -0.92 6.78
N SER A 26 9.12 -1.28 6.53
CA SER A 26 8.00 -0.59 7.13
C SER A 26 8.02 -0.74 8.64
N SER A 27 7.60 0.31 9.34
CA SER A 27 7.54 0.29 10.79
C SER A 27 6.15 -0.26 11.15
N TYR A 28 6.09 -1.43 11.78
CA TYR A 28 4.79 -2.01 12.12
C TYR A 28 4.72 -2.98 13.29
N GLU A 29 3.48 -3.19 13.76
CA GLU A 29 3.18 -4.11 14.85
C GLU A 29 2.21 -5.12 14.23
N GLU A 30 1.66 -6.01 15.05
CA GLU A 30 0.71 -7.03 14.57
C GLU A 30 -0.28 -7.31 15.68
N LYS A 31 -1.57 -7.38 15.32
CA LYS A 31 -2.60 -7.71 16.30
C LYS A 31 -3.11 -9.06 15.87
N LYS A 32 -2.49 -10.10 16.41
CA LYS A 32 -2.84 -11.47 16.10
C LYS A 32 -4.05 -11.89 16.92
N TYR A 33 -5.02 -12.49 16.25
CA TYR A 33 -6.24 -12.95 16.88
C TYR A 33 -6.22 -14.46 17.03
N THR A 34 -6.69 -14.94 18.17
CA THR A 34 -6.70 -16.38 18.41
C THR A 34 -8.08 -16.97 18.26
N MET A 35 -8.15 -18.09 17.55
CA MET A 35 -9.39 -18.80 17.33
C MET A 35 -9.47 -19.99 18.30
N GLY A 36 -10.59 -20.14 18.98
CA GLY A 36 -10.76 -21.26 19.90
C GLY A 36 -10.73 -22.61 19.20
N ASP A 37 -10.54 -23.68 19.97
CA ASP A 37 -10.50 -25.04 19.41
C ASP A 37 -11.89 -25.56 19.07
N ALA A 38 -11.94 -26.69 18.36
CA ALA A 38 -13.20 -27.32 17.97
C ALA A 38 -14.02 -27.68 19.20
N PRO A 39 -15.34 -27.85 19.03
CA PRO A 39 -16.06 -27.74 17.76
C PRO A 39 -16.57 -26.32 17.44
N ASP A 40 -16.58 -25.45 18.44
CA ASP A 40 -17.06 -24.07 18.30
C ASP A 40 -16.20 -23.17 17.43
N TYR A 41 -14.89 -23.24 17.61
CA TYR A 41 -13.93 -22.40 16.88
C TYR A 41 -14.20 -20.94 17.21
N ASP A 42 -14.44 -20.67 18.49
CA ASP A 42 -14.73 -19.33 18.99
C ASP A 42 -13.91 -18.23 18.34
N ARG A 43 -14.61 -17.30 17.68
CA ARG A 43 -13.98 -16.18 16.99
C ARG A 43 -14.16 -14.85 17.74
N SER A 44 -14.84 -14.89 18.89
CA SER A 44 -15.12 -13.70 19.68
C SER A 44 -13.98 -12.71 19.90
N GLN A 45 -12.75 -13.20 20.01
CA GLN A 45 -11.62 -12.30 20.23
C GLN A 45 -11.60 -11.20 19.15
N TRP A 46 -11.93 -11.60 17.92
CA TRP A 46 -12.02 -10.70 16.77
C TRP A 46 -13.38 -10.04 16.65
N LEU A 47 -14.46 -10.82 16.82
CA LEU A 47 -15.82 -10.30 16.73
C LEU A 47 -16.16 -9.22 17.73
N ASN A 48 -15.48 -9.24 18.87
CA ASN A 48 -15.73 -8.24 19.90
C ASN A 48 -15.06 -6.91 19.52
N GLU A 49 -14.23 -6.95 18.48
CA GLU A 49 -13.47 -5.80 18.00
C GLU A 49 -13.86 -5.39 16.58
N LYS A 50 -14.21 -6.37 15.77
CA LYS A 50 -14.57 -6.18 14.36
C LYS A 50 -15.19 -4.86 13.96
N PHE A 51 -16.21 -4.44 14.67
CA PHE A 51 -16.89 -3.20 14.33
C PHE A 51 -16.49 -1.99 15.19
N LYS A 52 -15.43 -2.14 15.98
CA LYS A 52 -14.97 -1.06 16.85
C LYS A 52 -13.74 -0.35 16.27
N LEU A 53 -13.16 -0.93 15.23
CA LEU A 53 -11.95 -0.39 14.63
C LEU A 53 -12.10 0.73 13.60
N GLY A 54 -13.34 1.07 13.25
CA GLY A 54 -13.56 2.12 12.28
C GLY A 54 -13.25 1.66 10.86
N LEU A 55 -13.24 0.36 10.64
CA LEU A 55 -13.00 -0.16 9.31
C LEU A 55 -14.29 0.03 8.52
N ASP A 56 -14.16 0.19 7.21
CA ASP A 56 -15.32 0.39 6.35
C ASP A 56 -16.00 -0.92 6.06
N PHE A 57 -15.23 -1.93 5.68
CA PHE A 57 -15.78 -3.26 5.41
C PHE A 57 -14.99 -4.25 6.27
N PRO A 58 -15.25 -4.25 7.60
CA PRO A 58 -14.60 -5.10 8.61
C PRO A 58 -14.21 -6.48 8.12
N ASN A 59 -12.92 -6.76 8.20
CA ASN A 59 -12.42 -8.04 7.72
C ASN A 59 -11.00 -8.30 8.18
N LEU A 60 -10.44 -9.42 7.74
CA LEU A 60 -9.08 -9.81 8.06
C LEU A 60 -8.50 -10.34 6.76
N PRO A 61 -7.31 -9.87 6.39
CA PRO A 61 -6.49 -8.91 7.13
C PRO A 61 -6.97 -7.49 7.00
N TYR A 62 -6.53 -6.67 7.96
CA TYR A 62 -6.84 -5.26 7.99
C TYR A 62 -5.56 -4.50 8.35
N LEU A 63 -5.35 -3.33 7.74
CA LEU A 63 -4.16 -2.51 8.02
C LEU A 63 -4.53 -1.14 8.55
N ILE A 64 -3.81 -0.68 9.56
CA ILE A 64 -4.09 0.63 10.12
C ILE A 64 -2.85 1.51 10.13
N ASP A 65 -2.87 2.54 9.30
CA ASP A 65 -1.75 3.46 9.21
C ASP A 65 -2.22 4.84 9.61
N GLY A 66 -2.20 5.12 10.91
CA GLY A 66 -2.64 6.42 11.39
C GLY A 66 -4.12 6.61 11.18
N ALA A 67 -4.49 7.46 10.23
CA ALA A 67 -5.90 7.72 9.95
C ALA A 67 -6.46 6.81 8.87
N HIS A 68 -5.58 6.06 8.21
CA HIS A 68 -6.00 5.15 7.16
C HIS A 68 -6.29 3.75 7.68
N LYS A 69 -7.52 3.29 7.50
CA LYS A 69 -7.92 1.95 7.91
C LYS A 69 -8.23 1.21 6.62
N ILE A 70 -7.58 0.07 6.41
CA ILE A 70 -7.78 -0.67 5.17
C ILE A 70 -8.07 -2.15 5.31
N THR A 71 -8.90 -2.67 4.41
CA THR A 71 -9.25 -4.09 4.40
C THR A 71 -9.01 -4.61 3.00
N GLN A 72 -9.17 -5.92 2.81
CA GLN A 72 -8.92 -6.54 1.50
C GLN A 72 -7.42 -6.58 1.25
N SER A 73 -6.87 -7.78 1.34
CA SER A 73 -5.45 -7.99 1.16
C SER A 73 -4.82 -7.19 0.05
N ASN A 74 -5.27 -7.41 -1.18
CA ASN A 74 -4.70 -6.71 -2.32
C ASN A 74 -4.79 -5.21 -2.15
N ALA A 75 -5.78 -4.73 -1.41
CA ALA A 75 -5.92 -3.31 -1.19
C ALA A 75 -4.80 -2.88 -0.27
N ILE A 76 -4.55 -3.70 0.75
CA ILE A 76 -3.50 -3.41 1.71
C ILE A 76 -2.13 -3.45 1.03
N LEU A 77 -1.91 -4.39 0.12
CA LEU A 77 -0.63 -4.47 -0.57
C LEU A 77 -0.32 -3.24 -1.44
N CYS A 78 -1.29 -2.82 -2.27
CA CYS A 78 -1.07 -1.64 -3.12
C CYS A 78 -0.78 -0.42 -2.27
N TYR A 79 -1.47 -0.32 -1.15
CA TYR A 79 -1.29 0.80 -0.24
C TYR A 79 0.18 0.90 0.15
N ILE A 80 0.71 -0.22 0.60
CA ILE A 80 2.09 -0.30 1.03
C ILE A 80 2.98 -0.11 -0.18
N ALA A 81 2.76 -0.89 -1.22
CA ALA A 81 3.57 -0.83 -2.43
C ALA A 81 3.70 0.58 -2.99
N ARG A 82 2.62 1.34 -2.95
CA ARG A 82 2.60 2.70 -3.47
C ARG A 82 3.63 3.61 -2.79
N LYS A 83 3.87 3.37 -1.51
CA LYS A 83 4.81 4.18 -0.77
C LYS A 83 6.25 3.93 -1.19
N HIS A 84 6.48 2.84 -1.94
CA HIS A 84 7.83 2.47 -2.38
C HIS A 84 7.92 2.12 -3.86
N ASN A 85 6.96 2.65 -4.63
CA ASN A 85 6.88 2.47 -6.08
C ASN A 85 7.02 1.02 -6.53
N LEU A 86 6.22 0.16 -5.91
CA LEU A 86 6.21 -1.26 -6.20
C LEU A 86 4.85 -1.67 -6.72
N CYS A 87 4.03 -0.68 -7.03
CA CYS A 87 2.69 -0.92 -7.54
C CYS A 87 2.66 -0.93 -9.06
N GLY A 88 3.84 -0.83 -9.69
CA GLY A 88 3.92 -0.82 -11.14
C GLY A 88 4.18 0.56 -11.69
N GLU A 89 4.83 0.65 -12.85
CA GLU A 89 5.14 1.93 -13.48
C GLU A 89 4.70 2.04 -14.93
N THR A 90 5.29 1.24 -15.82
CA THR A 90 4.90 1.30 -17.22
C THR A 90 3.47 0.77 -17.40
N GLU A 91 2.95 0.89 -18.62
CA GLU A 91 1.61 0.42 -18.90
C GLU A 91 1.58 -1.10 -18.78
N GLU A 92 2.42 -1.78 -19.55
CA GLU A 92 2.47 -3.23 -19.53
C GLU A 92 2.68 -3.75 -18.11
N GLU A 93 3.46 -3.02 -17.31
CA GLU A 93 3.69 -3.43 -15.94
C GLU A 93 2.38 -3.47 -15.17
N LYS A 94 1.63 -2.38 -15.24
CA LYS A 94 0.35 -2.26 -14.55
C LYS A 94 -0.67 -3.31 -14.97
N ILE A 95 -0.54 -3.80 -16.19
CA ILE A 95 -1.43 -4.81 -16.70
C ILE A 95 -1.08 -6.14 -16.02
N ARG A 96 0.19 -6.50 -16.09
CA ARG A 96 0.67 -7.72 -15.48
C ARG A 96 0.31 -7.69 -14.00
N VAL A 97 0.50 -6.54 -13.36
CA VAL A 97 0.16 -6.42 -11.95
C VAL A 97 -1.32 -6.72 -11.76
N ASP A 98 -2.19 -6.04 -12.49
CA ASP A 98 -3.61 -6.25 -12.35
C ASP A 98 -4.02 -7.70 -12.57
N ILE A 99 -3.53 -8.29 -13.64
CA ILE A 99 -3.88 -9.66 -13.94
C ILE A 99 -3.44 -10.57 -12.80
N LEU A 100 -2.17 -10.51 -12.42
CA LEU A 100 -1.66 -11.37 -11.35
C LEU A 100 -2.37 -11.09 -10.04
N GLU A 101 -2.47 -9.82 -9.69
CA GLU A 101 -3.13 -9.40 -8.46
C GLU A 101 -4.39 -10.24 -8.21
N ASN A 102 -5.11 -10.53 -9.29
CA ASN A 102 -6.34 -11.28 -9.20
C ASN A 102 -6.16 -12.76 -9.47
N GLN A 103 -5.22 -13.11 -10.34
CA GLN A 103 -4.96 -14.51 -10.68
C GLN A 103 -4.52 -15.30 -9.46
N THR A 104 -3.56 -14.76 -8.71
CA THR A 104 -3.08 -15.43 -7.52
C THR A 104 -4.23 -15.58 -6.52
N MET A 105 -4.99 -14.50 -6.33
CA MET A 105 -6.13 -14.53 -5.41
C MET A 105 -7.08 -15.67 -5.76
N ASP A 106 -7.20 -15.95 -7.06
CA ASP A 106 -8.06 -17.03 -7.53
C ASP A 106 -7.45 -18.35 -7.11
N ASN A 107 -6.29 -18.65 -7.68
CA ASN A 107 -5.55 -19.87 -7.40
C ASN A 107 -5.44 -20.16 -5.90
N HIS A 108 -5.43 -19.10 -5.09
CA HIS A 108 -5.35 -19.24 -3.66
C HIS A 108 -6.67 -19.73 -3.13
N MET A 109 -7.75 -19.01 -3.41
CA MET A 109 -9.07 -19.42 -2.95
C MET A 109 -9.40 -20.85 -3.40
N GLN A 110 -8.80 -21.27 -4.50
CA GLN A 110 -9.03 -22.62 -5.01
C GLN A 110 -8.51 -23.65 -4.02
N LEU A 111 -7.25 -23.49 -3.62
CA LEU A 111 -6.60 -24.37 -2.66
C LEU A 111 -7.37 -24.28 -1.35
N GLY A 112 -7.58 -23.05 -0.89
CA GLY A 112 -8.32 -22.83 0.34
C GLY A 112 -9.65 -23.56 0.37
N MET A 113 -10.39 -23.52 -0.73
CA MET A 113 -11.69 -24.18 -0.82
C MET A 113 -11.66 -25.68 -0.51
N ILE A 114 -10.71 -26.39 -1.09
CA ILE A 114 -10.64 -27.83 -0.84
C ILE A 114 -9.98 -28.13 0.49
N CYS A 115 -9.01 -27.32 0.88
CA CYS A 115 -8.32 -27.53 2.15
C CYS A 115 -9.24 -27.29 3.33
N TYR A 116 -10.40 -26.69 3.09
CA TYR A 116 -11.37 -26.45 4.15
C TYR A 116 -12.55 -27.40 3.96
N ASN A 117 -12.54 -28.14 2.86
CA ASN A 117 -13.62 -29.09 2.54
C ASN A 117 -13.37 -30.39 3.28
N PRO A 118 -14.37 -30.84 4.05
CA PRO A 118 -14.26 -32.09 4.82
C PRO A 118 -13.82 -33.25 3.94
N GLU A 119 -14.34 -33.28 2.72
CA GLU A 119 -14.01 -34.35 1.77
C GLU A 119 -12.70 -34.09 1.05
N PHE A 120 -11.84 -33.30 1.67
CA PHE A 120 -10.53 -32.95 1.11
C PHE A 120 -9.81 -34.15 0.50
N GLU A 121 -9.83 -35.27 1.22
CA GLU A 121 -9.15 -36.48 0.79
C GLU A 121 -9.62 -36.96 -0.58
N LYS A 122 -10.92 -36.86 -0.81
CA LYS A 122 -11.52 -37.29 -2.06
C LYS A 122 -11.20 -36.32 -3.20
N LEU A 123 -11.31 -35.02 -2.90
CA LEU A 123 -11.06 -33.95 -3.88
C LEU A 123 -9.61 -33.82 -4.28
N LYS A 124 -8.70 -34.10 -3.34
CA LYS A 124 -7.28 -34.00 -3.56
C LYS A 124 -6.76 -34.59 -4.89
N PRO A 125 -7.18 -35.81 -5.25
CA PRO A 125 -6.74 -36.45 -6.49
C PRO A 125 -6.89 -35.61 -7.76
N LYS A 126 -8.07 -35.04 -7.96
CA LYS A 126 -8.33 -34.22 -9.15
C LYS A 126 -7.48 -32.94 -9.13
N TYR A 127 -7.54 -32.22 -8.01
CA TYR A 127 -6.79 -30.98 -7.83
C TYR A 127 -5.33 -31.16 -8.25
N LEU A 128 -4.72 -32.25 -7.78
CA LEU A 128 -3.33 -32.52 -8.10
C LEU A 128 -3.12 -32.81 -9.58
N GLU A 129 -4.11 -33.44 -10.19
CA GLU A 129 -4.07 -33.79 -11.61
C GLU A 129 -4.01 -32.55 -12.48
N GLU A 130 -4.65 -31.48 -12.00
CA GLU A 130 -4.74 -30.19 -12.71
C GLU A 130 -3.59 -29.21 -12.43
N LEU A 131 -3.09 -29.21 -11.20
CA LEU A 131 -2.01 -28.32 -10.77
C LEU A 131 -0.84 -28.05 -11.74
N PRO A 132 -0.27 -29.10 -12.35
CA PRO A 132 0.85 -28.88 -13.29
C PRO A 132 0.60 -27.77 -14.32
N GLU A 133 -0.57 -27.80 -14.93
CA GLU A 133 -0.92 -26.81 -15.92
C GLU A 133 -0.95 -25.42 -15.30
N LYS A 134 -1.52 -25.30 -14.09
CA LYS A 134 -1.60 -24.02 -13.41
C LYS A 134 -0.21 -23.41 -13.27
N LEU A 135 0.69 -24.19 -12.69
CA LEU A 135 2.06 -23.79 -12.47
C LEU A 135 2.71 -23.43 -13.80
N LYS A 136 2.44 -24.23 -14.81
CA LYS A 136 2.98 -23.99 -16.14
C LYS A 136 2.65 -22.57 -16.61
N LEU A 137 1.40 -22.16 -16.41
CA LEU A 137 0.95 -20.84 -16.82
C LEU A 137 1.86 -19.75 -16.24
N TYR A 138 2.14 -19.85 -14.95
CA TYR A 138 3.02 -18.90 -14.31
C TYR A 138 4.44 -19.00 -14.87
N SER A 139 4.85 -20.20 -15.24
CA SER A 139 6.18 -20.41 -15.81
C SER A 139 6.24 -19.66 -17.14
N GLU A 140 5.27 -19.97 -18.01
CA GLU A 140 5.18 -19.35 -19.32
C GLU A 140 5.15 -17.84 -19.16
N PHE A 141 4.29 -17.39 -18.25
CA PHE A 141 4.11 -15.97 -17.98
C PHE A 141 5.42 -15.31 -17.62
N LEU A 142 6.09 -15.83 -16.60
CA LEU A 142 7.37 -15.27 -16.16
C LEU A 142 8.42 -15.35 -17.26
N GLY A 143 8.56 -16.53 -17.85
CA GLY A 143 9.54 -16.73 -18.90
C GLY A 143 10.96 -16.41 -18.46
N LYS A 144 11.63 -15.54 -19.20
CA LYS A 144 12.99 -15.16 -18.87
C LYS A 144 13.14 -13.88 -18.07
N ARG A 145 12.02 -13.39 -17.53
CA ARG A 145 12.05 -12.17 -16.73
C ARG A 145 12.55 -12.45 -15.33
N PRO A 146 13.24 -11.47 -14.71
CA PRO A 146 13.76 -11.62 -13.35
C PRO A 146 12.60 -11.57 -12.34
N TRP A 147 11.57 -10.81 -12.70
CA TRP A 147 10.39 -10.64 -11.87
C TRP A 147 9.18 -10.73 -12.74
N PHE A 148 8.02 -10.92 -12.13
CA PHE A 148 6.78 -11.03 -12.90
C PHE A 148 6.33 -9.78 -13.64
N ALA A 149 6.43 -8.63 -12.99
CA ALA A 149 6.02 -7.38 -13.63
C ALA A 149 6.95 -7.07 -14.81
N GLY A 150 8.24 -7.35 -14.63
CA GLY A 150 9.20 -7.10 -15.67
C GLY A 150 10.60 -7.15 -15.07
N ASN A 151 11.37 -6.08 -15.26
CA ASN A 151 12.73 -6.03 -14.73
C ASN A 151 12.76 -5.56 -13.28
N LYS A 152 11.68 -4.92 -12.84
CA LYS A 152 11.61 -4.46 -11.47
C LYS A 152 10.65 -5.30 -10.65
N ILE A 153 10.96 -5.45 -9.37
CA ILE A 153 10.13 -6.22 -8.48
C ILE A 153 8.92 -5.38 -8.09
N THR A 154 7.78 -6.05 -7.95
CA THR A 154 6.54 -5.40 -7.55
C THR A 154 5.87 -6.28 -6.51
N PHE A 155 4.84 -5.73 -5.86
CA PHE A 155 4.15 -6.48 -4.83
C PHE A 155 3.54 -7.78 -5.32
N VAL A 156 3.28 -7.89 -6.61
CA VAL A 156 2.69 -9.14 -7.12
C VAL A 156 3.67 -10.31 -7.01
N ASP A 157 4.96 -10.01 -6.94
CA ASP A 157 5.97 -11.05 -6.82
C ASP A 157 5.78 -11.76 -5.47
N PHE A 158 5.34 -10.99 -4.48
CA PHE A 158 5.09 -11.53 -3.16
C PHE A 158 3.89 -12.47 -3.20
N LEU A 159 2.89 -12.10 -4.00
CA LEU A 159 1.69 -12.91 -4.13
C LEU A 159 1.97 -14.20 -4.85
N VAL A 160 2.75 -14.12 -5.93
CA VAL A 160 3.08 -15.31 -6.69
C VAL A 160 3.92 -16.25 -5.85
N TYR A 161 4.83 -15.67 -5.07
CA TYR A 161 5.69 -16.47 -4.21
C TYR A 161 4.82 -17.27 -3.27
N ASP A 162 4.04 -16.57 -2.45
CA ASP A 162 3.17 -17.21 -1.48
C ASP A 162 2.44 -18.39 -2.09
N VAL A 163 1.87 -18.18 -3.26
CA VAL A 163 1.14 -19.22 -3.95
C VAL A 163 2.06 -20.36 -4.31
N LEU A 164 3.16 -20.04 -4.98
CA LEU A 164 4.12 -21.06 -5.37
C LEU A 164 4.67 -21.82 -4.15
N ASP A 165 4.98 -21.08 -3.09
CA ASP A 165 5.51 -21.68 -1.86
C ASP A 165 4.48 -22.64 -1.30
N LEU A 166 3.26 -22.14 -1.11
CA LEU A 166 2.19 -22.96 -0.58
C LEU A 166 2.07 -24.29 -1.32
N HIS A 167 2.44 -24.31 -2.59
CA HIS A 167 2.34 -25.54 -3.36
C HIS A 167 3.53 -26.49 -3.25
N ARG A 168 4.70 -25.99 -2.90
CA ARG A 168 5.85 -26.87 -2.73
C ARG A 168 5.61 -27.57 -1.39
N ILE A 169 4.90 -26.89 -0.50
CA ILE A 169 4.55 -27.41 0.81
C ILE A 169 3.49 -28.49 0.64
N PHE A 170 2.52 -28.22 -0.22
CA PHE A 170 1.42 -29.14 -0.49
C PHE A 170 1.86 -30.37 -1.30
N GLU A 171 2.75 -30.13 -2.26
CA GLU A 171 3.29 -31.16 -3.14
C GLU A 171 4.68 -30.68 -3.59
N PRO A 172 5.71 -31.08 -2.85
CA PRO A 172 7.13 -30.75 -3.05
C PRO A 172 7.72 -30.85 -4.46
N LYS A 173 7.30 -31.86 -5.22
CA LYS A 173 7.81 -32.05 -6.57
C LYS A 173 7.15 -31.18 -7.65
N CYS A 174 6.07 -30.49 -7.27
CA CYS A 174 5.31 -29.67 -8.20
C CYS A 174 6.11 -28.69 -9.05
N LEU A 175 7.01 -27.95 -8.41
CA LEU A 175 7.82 -26.96 -9.12
C LEU A 175 9.05 -27.53 -9.81
N ASP A 176 9.32 -28.82 -9.62
CA ASP A 176 10.48 -29.45 -10.23
C ASP A 176 10.61 -29.28 -11.74
N ALA A 177 9.47 -29.27 -12.43
CA ALA A 177 9.45 -29.14 -13.89
C ALA A 177 9.61 -27.71 -14.44
N PHE A 178 9.63 -26.72 -13.56
CA PHE A 178 9.75 -25.33 -13.98
C PHE A 178 10.95 -24.63 -13.33
N PRO A 179 12.13 -24.81 -13.92
CA PRO A 179 13.37 -24.21 -13.41
C PRO A 179 13.26 -22.72 -13.08
N ASN A 180 12.81 -21.93 -14.05
CA ASN A 180 12.65 -20.49 -13.87
C ASN A 180 11.84 -20.15 -12.62
N LEU A 181 10.86 -20.97 -12.31
CA LEU A 181 10.04 -20.76 -11.11
C LEU A 181 10.86 -21.04 -9.86
N LYS A 182 11.63 -22.12 -9.90
CA LYS A 182 12.50 -22.46 -8.76
C LYS A 182 13.49 -21.32 -8.53
N ASP A 183 14.07 -20.82 -9.62
CA ASP A 183 15.03 -19.72 -9.55
C ASP A 183 14.34 -18.51 -8.97
N PHE A 184 13.09 -18.31 -9.36
CA PHE A 184 12.32 -17.18 -8.86
C PHE A 184 12.26 -17.26 -7.35
N ILE A 185 11.98 -18.46 -6.84
CA ILE A 185 11.89 -18.66 -5.40
C ILE A 185 13.24 -18.41 -4.73
N SER A 186 14.31 -18.84 -5.39
CA SER A 186 15.65 -18.63 -4.86
C SER A 186 15.89 -17.14 -4.82
N ARG A 187 15.62 -16.51 -5.96
CA ARG A 187 15.81 -15.08 -6.11
C ARG A 187 15.03 -14.27 -5.09
N PHE A 188 13.81 -14.72 -4.80
CA PHE A 188 12.97 -14.02 -3.84
C PHE A 188 13.47 -14.20 -2.41
N GLU A 189 13.75 -15.44 -2.04
CA GLU A 189 14.22 -15.74 -0.69
C GLU A 189 15.63 -15.22 -0.45
N GLY A 190 16.37 -15.08 -1.55
CA GLY A 190 17.72 -14.57 -1.47
C GLY A 190 17.76 -13.07 -1.20
N LEU A 191 16.62 -12.40 -1.30
CA LEU A 191 16.57 -10.98 -1.04
C LEU A 191 17.00 -10.75 0.39
N GLU A 192 17.92 -9.82 0.55
CA GLU A 192 18.48 -9.47 1.84
C GLU A 192 17.47 -9.39 2.98
N LYS A 193 16.54 -8.45 2.90
CA LYS A 193 15.54 -8.29 3.96
C LYS A 193 14.58 -9.47 4.09
N ILE A 194 14.42 -10.21 3.01
CA ILE A 194 13.55 -11.39 2.99
C ILE A 194 14.27 -12.50 3.74
N SER A 195 15.49 -12.80 3.31
CA SER A 195 16.32 -13.81 3.92
C SER A 195 16.38 -13.59 5.44
N ALA A 196 16.78 -12.39 5.84
CA ALA A 196 16.90 -12.03 7.25
C ALA A 196 15.62 -12.26 8.04
N TYR A 197 14.50 -11.83 7.47
CA TYR A 197 13.20 -11.97 8.12
C TYR A 197 12.90 -13.45 8.34
N MET A 198 13.21 -14.26 7.34
CA MET A 198 12.96 -15.69 7.42
C MET A 198 13.74 -16.35 8.54
N LYS A 199 14.89 -15.78 8.89
CA LYS A 199 15.70 -16.34 9.97
C LYS A 199 15.34 -15.70 11.31
N SER A 200 14.41 -14.76 11.31
CA SER A 200 14.02 -14.11 12.55
C SER A 200 12.94 -14.87 13.30
N SER A 201 12.55 -14.33 14.45
CA SER A 201 11.53 -14.94 15.29
C SER A 201 10.13 -14.59 14.82
N ARG A 202 10.03 -13.51 14.04
CA ARG A 202 8.76 -13.02 13.51
C ARG A 202 8.15 -13.90 12.41
N PHE A 203 9.01 -14.55 11.64
CA PHE A 203 8.57 -15.41 10.54
C PHE A 203 7.53 -16.44 10.98
N LEU A 204 6.31 -16.32 10.44
CA LEU A 204 5.22 -17.20 10.77
C LEU A 204 4.74 -17.89 9.51
N PRO A 205 5.42 -18.96 9.09
CA PRO A 205 5.04 -19.69 7.87
C PRO A 205 4.03 -20.81 8.09
N ARG A 206 3.56 -20.98 9.32
CA ARG A 206 2.59 -22.02 9.64
C ARG A 206 1.91 -21.70 10.97
N PRO A 207 0.67 -22.16 11.17
CA PRO A 207 -0.16 -22.97 10.26
C PRO A 207 -0.50 -22.20 9.00
N VAL A 208 -0.63 -22.94 7.90
CA VAL A 208 -0.99 -22.33 6.62
C VAL A 208 -2.40 -21.75 6.65
N PHE A 209 -3.34 -22.50 7.23
CA PHE A 209 -4.72 -22.06 7.34
C PHE A 209 -5.18 -22.05 8.80
N SER A 210 -6.42 -21.65 9.04
CA SER A 210 -6.92 -21.61 10.40
C SER A 210 -7.23 -23.01 10.93
N LYS A 211 -7.67 -23.07 12.17
CA LYS A 211 -7.99 -24.34 12.80
C LYS A 211 -9.10 -25.11 12.11
N MET A 212 -9.99 -24.40 11.42
CA MET A 212 -11.11 -25.04 10.72
C MET A 212 -10.65 -25.86 9.53
N ALA A 213 -9.46 -25.57 9.03
CA ALA A 213 -8.95 -26.26 7.86
C ALA A 213 -8.73 -27.74 8.07
N VAL A 214 -8.89 -28.51 7.00
CA VAL A 214 -8.68 -29.94 7.05
C VAL A 214 -7.20 -30.24 6.77
N TRP A 215 -6.56 -29.34 6.04
CA TRP A 215 -5.14 -29.47 5.70
C TRP A 215 -4.41 -28.20 6.13
N GLY A 216 -3.17 -28.34 6.58
CA GLY A 216 -2.40 -27.17 7.01
C GLY A 216 -3.08 -26.38 8.10
N ASN A 217 -3.94 -27.03 8.88
CA ASN A 217 -4.64 -26.37 9.96
C ASN A 217 -3.71 -26.19 11.16
N LYS A 218 -2.55 -26.83 11.09
CA LYS A 218 -1.55 -26.74 12.15
C LYS A 218 -0.13 -26.74 11.56
N PRO B 2 13.90 -0.85 9.97
CA PRO B 2 14.09 0.58 9.63
C PRO B 2 14.94 1.28 10.68
N MET B 3 15.69 2.29 10.28
CA MET B 3 16.51 3.02 11.23
C MET B 3 15.59 3.72 12.19
N ILE B 4 16.11 4.08 13.35
CA ILE B 4 15.32 4.80 14.33
C ILE B 4 16.10 5.96 14.94
N LEU B 5 15.52 7.14 14.87
CA LEU B 5 16.14 8.34 15.35
C LEU B 5 15.48 8.83 16.62
N GLY B 6 16.26 8.90 17.68
CA GLY B 6 15.72 9.36 18.93
C GLY B 6 16.14 10.78 19.21
N TYR B 7 15.25 11.56 19.79
CA TYR B 7 15.54 12.94 20.14
C TYR B 7 14.32 13.47 20.86
N TRP B 8 14.40 14.68 21.36
CA TRP B 8 13.25 15.27 22.04
C TRP B 8 12.18 15.56 21.00
N ASP B 9 10.96 15.82 21.47
CA ASP B 9 9.83 16.12 20.58
C ASP B 9 9.91 17.58 20.15
N ILE B 10 11.09 17.96 19.64
CA ILE B 10 11.37 19.31 19.17
C ILE B 10 12.23 19.28 17.91
N ARG B 11 12.60 20.48 17.45
CA ARG B 11 13.40 20.63 16.25
C ARG B 11 14.87 20.42 16.57
N GLY B 12 15.44 21.41 17.25
CA GLY B 12 16.83 21.36 17.66
C GLY B 12 17.84 20.80 16.68
N LEU B 13 18.68 19.90 17.21
CA LEU B 13 19.76 19.26 16.48
C LEU B 13 19.35 18.16 15.53
N ALA B 14 18.12 17.70 15.64
CA ALA B 14 17.63 16.63 14.78
C ALA B 14 17.21 17.12 13.42
N HIS B 15 16.91 18.40 13.35
CA HIS B 15 16.43 18.99 12.11
C HIS B 15 17.24 18.61 10.88
N ALA B 16 18.52 18.92 10.88
CA ALA B 16 19.34 18.62 9.73
C ALA B 16 19.31 17.14 9.39
N ILE B 17 19.25 16.31 10.42
CA ILE B 17 19.25 14.87 10.22
C ILE B 17 17.96 14.40 9.60
N ARG B 18 16.85 14.87 10.15
CA ARG B 18 15.54 14.50 9.62
C ARG B 18 15.53 14.86 8.13
N LEU B 19 15.93 16.10 7.82
CA LEU B 19 15.98 16.57 6.44
C LEU B 19 16.86 15.67 5.58
N LEU B 20 18.05 15.31 6.09
CA LEU B 20 18.96 14.48 5.33
C LEU B 20 18.37 13.11 5.09
N LEU B 21 17.71 12.57 6.11
CA LEU B 21 17.07 11.27 6.01
C LEU B 21 16.05 11.29 4.89
N GLU B 22 15.23 12.33 4.90
CA GLU B 22 14.19 12.53 3.90
C GLU B 22 14.77 12.61 2.50
N TYR B 23 15.74 13.50 2.32
CA TYR B 23 16.39 13.69 1.05
C TYR B 23 16.99 12.41 0.48
N THR B 24 17.41 11.52 1.37
CA THR B 24 18.04 10.25 0.99
C THR B 24 17.07 9.09 0.86
N ASP B 25 15.79 9.35 1.11
CA ASP B 25 14.75 8.32 1.03
C ASP B 25 15.02 7.20 2.03
N SER B 26 15.65 7.56 3.12
CA SER B 26 15.97 6.62 4.16
C SER B 26 14.74 6.12 4.88
N SER B 27 14.71 4.81 5.10
CA SER B 27 13.61 4.15 5.80
C SER B 27 13.84 4.32 7.30
N TYR B 28 13.00 5.09 7.97
CA TYR B 28 13.21 5.33 9.40
C TYR B 28 11.98 5.65 10.24
N GLU B 29 12.15 5.53 11.54
CA GLU B 29 11.11 5.83 12.51
C GLU B 29 11.68 6.89 13.40
N GLU B 30 10.93 7.34 14.39
CA GLU B 30 11.41 8.36 15.30
C GLU B 30 10.95 8.07 16.70
N LYS B 31 11.88 8.14 17.66
CA LYS B 31 11.52 7.92 19.05
C LYS B 31 11.58 9.26 19.75
N LYS B 32 10.48 9.98 19.70
CA LYS B 32 10.42 11.29 20.32
C LYS B 32 10.24 11.18 21.81
N TYR B 33 11.01 11.96 22.55
CA TYR B 33 10.95 11.97 24.01
C TYR B 33 10.28 13.24 24.48
N THR B 34 9.43 13.13 25.49
CA THR B 34 8.74 14.32 25.97
C THR B 34 9.32 14.80 27.29
N MET B 35 9.46 16.11 27.40
CA MET B 35 9.99 16.71 28.63
C MET B 35 8.84 17.30 29.41
N GLY B 36 8.85 17.10 30.73
CA GLY B 36 7.78 17.63 31.56
C GLY B 36 7.83 19.14 31.67
N ASP B 37 6.72 19.74 32.09
CA ASP B 37 6.64 21.19 32.24
C ASP B 37 7.43 21.69 33.43
N ALA B 38 7.60 23.01 33.51
CA ALA B 38 8.32 23.64 34.60
C ALA B 38 7.60 23.34 35.92
N PRO B 39 8.32 23.47 37.06
CA PRO B 39 9.72 23.88 37.13
C PRO B 39 10.73 22.72 37.08
N ASP B 40 10.24 21.50 37.18
CA ASP B 40 11.08 20.30 37.17
C ASP B 40 11.68 19.94 35.81
N TYR B 41 10.86 20.04 34.77
CA TYR B 41 11.29 19.69 33.40
C TYR B 41 11.70 18.23 33.38
N ASP B 42 10.87 17.40 33.99
CA ASP B 42 11.12 15.96 34.08
C ASP B 42 11.61 15.32 32.77
N ARG B 43 12.83 14.78 32.82
CA ARG B 43 13.44 14.17 31.66
C ARG B 43 13.39 12.63 31.72
N SER B 44 12.82 12.11 32.80
CA SER B 44 12.73 10.68 33.04
C SER B 44 12.38 9.78 31.86
N GLN B 45 11.53 10.26 30.95
CA GLN B 45 11.15 9.44 29.80
C GLN B 45 12.38 8.98 29.02
N TRP B 46 13.40 9.83 29.00
CA TRP B 46 14.65 9.54 28.33
C TRP B 46 15.65 8.89 29.29
N LEU B 47 15.74 9.44 30.50
CA LEU B 47 16.68 8.93 31.50
C LEU B 47 16.49 7.45 31.80
N ASN B 48 15.25 7.00 31.81
CA ASN B 48 14.94 5.61 32.09
C ASN B 48 15.36 4.69 30.95
N GLU B 49 15.73 5.28 29.82
CA GLU B 49 16.13 4.51 28.65
C GLU B 49 17.56 4.81 28.25
N LYS B 50 18.06 5.95 28.69
CA LYS B 50 19.40 6.42 28.36
C LYS B 50 20.49 5.38 28.28
N PHE B 51 20.64 4.59 29.33
CA PHE B 51 21.70 3.60 29.33
C PHE B 51 21.28 2.20 28.92
N LYS B 52 20.02 2.05 28.50
CA LYS B 52 19.51 0.74 28.10
C LYS B 52 19.65 0.46 26.60
N LEU B 53 19.92 1.50 25.83
CA LEU B 53 19.99 1.38 24.38
C LEU B 53 21.24 0.79 23.73
N GLY B 54 22.30 0.62 24.51
CA GLY B 54 23.53 0.07 23.94
C GLY B 54 24.36 1.14 23.23
N LEU B 55 24.14 2.38 23.61
CA LEU B 55 24.87 3.49 23.01
C LEU B 55 26.20 3.62 23.75
N ASP B 56 27.27 3.89 23.02
CA ASP B 56 28.58 4.05 23.65
C ASP B 56 28.65 5.29 24.51
N PHE B 57 28.13 6.41 24.02
CA PHE B 57 28.12 7.65 24.78
C PHE B 57 26.73 8.26 24.76
N PRO B 58 25.81 7.68 25.56
CA PRO B 58 24.41 8.07 25.70
C PRO B 58 24.13 9.55 25.54
N ASN B 59 23.37 9.87 24.49
CA ASN B 59 23.00 11.24 24.17
C ASN B 59 21.88 11.37 23.16
N LEU B 60 21.41 12.61 22.99
CA LEU B 60 20.38 12.93 22.03
C LEU B 60 20.97 14.01 21.13
N PRO B 61 20.87 13.83 19.82
CA PRO B 61 20.24 12.71 19.13
C PRO B 61 21.08 11.46 19.04
N TYR B 62 20.41 10.33 18.84
CA TYR B 62 21.08 9.05 18.67
C TYR B 62 20.40 8.36 17.50
N LEU B 63 21.15 7.61 16.74
CA LEU B 63 20.58 6.91 15.61
C LEU B 63 20.87 5.43 15.71
N ILE B 64 19.86 4.61 15.40
CA ILE B 64 20.01 3.16 15.46
C ILE B 64 19.72 2.47 14.13
N ASP B 65 20.77 1.94 13.50
CA ASP B 65 20.61 1.25 12.24
C ASP B 65 21.05 -0.19 12.41
N GLY B 66 20.12 -1.05 12.81
CA GLY B 66 20.45 -2.44 13.01
C GLY B 66 21.47 -2.59 14.12
N ALA B 67 22.65 -3.08 13.77
CA ALA B 67 23.74 -3.28 14.72
C ALA B 67 24.48 -2.00 15.15
N HIS B 68 24.37 -0.94 14.34
CA HIS B 68 25.04 0.33 14.60
C HIS B 68 24.28 1.32 15.45
N LYS B 69 24.84 1.65 16.61
CA LYS B 69 24.22 2.63 17.49
C LYS B 69 25.13 3.85 17.46
N ILE B 70 24.56 5.02 17.16
CA ILE B 70 25.35 6.23 17.05
C ILE B 70 24.83 7.45 17.79
N THR B 71 25.76 8.26 18.28
CA THR B 71 25.43 9.53 18.94
C THR B 71 26.26 10.63 18.28
N GLN B 72 26.09 11.87 18.75
CA GLN B 72 26.82 13.00 18.18
C GLN B 72 26.26 13.32 16.78
N SER B 73 25.41 14.35 16.74
CA SER B 73 24.75 14.75 15.50
C SER B 73 25.58 14.67 14.24
N ASN B 74 26.76 15.29 14.24
CA ASN B 74 27.62 15.25 13.04
C ASN B 74 28.07 13.83 12.72
N ALA B 75 28.20 13.01 13.77
CA ALA B 75 28.60 11.61 13.59
C ALA B 75 27.46 10.93 12.87
N ILE B 76 26.25 11.20 13.33
CA ILE B 76 25.03 10.64 12.73
C ILE B 76 24.90 11.05 11.25
N LEU B 77 25.15 12.32 10.95
CA LEU B 77 25.04 12.81 9.58
C LEU B 77 26.00 12.14 8.60
N CYS B 78 27.28 12.05 8.95
CA CYS B 78 28.25 11.42 8.03
C CYS B 78 27.86 9.98 7.79
N TYR B 79 27.38 9.33 8.85
CA TYR B 79 26.97 7.92 8.77
C TYR B 79 26.00 7.75 7.61
N ILE B 80 24.94 8.54 7.67
CA ILE B 80 23.88 8.57 6.66
C ILE B 80 24.45 8.99 5.32
N ALA B 81 25.08 10.16 5.31
CA ALA B 81 25.68 10.71 4.10
C ALA B 81 26.58 9.71 3.37
N ARG B 82 27.39 8.97 4.11
CA ARG B 82 28.31 8.00 3.51
C ARG B 82 27.62 6.94 2.67
N LYS B 83 26.38 6.63 3.02
CA LYS B 83 25.63 5.63 2.28
C LYS B 83 25.20 6.18 0.91
N HIS B 84 25.20 7.50 0.77
CA HIS B 84 24.78 8.13 -0.48
C HIS B 84 25.79 9.11 -1.09
N ASN B 85 27.05 8.96 -0.69
CA ASN B 85 28.14 9.80 -1.19
C ASN B 85 27.88 11.31 -1.09
N LEU B 86 27.54 11.74 0.13
CA LEU B 86 27.28 13.14 0.41
C LEU B 86 28.20 13.59 1.53
N CYS B 87 29.27 12.83 1.74
CA CYS B 87 30.25 13.12 2.78
C CYS B 87 31.49 13.76 2.18
N GLY B 88 31.42 14.15 0.92
CA GLY B 88 32.56 14.77 0.26
C GLY B 88 33.33 13.77 -0.58
N GLU B 89 34.00 14.25 -1.62
CA GLU B 89 34.77 13.39 -2.51
C GLU B 89 36.18 13.91 -2.78
N THR B 90 36.29 15.11 -3.33
CA THR B 90 37.61 15.68 -3.60
C THR B 90 38.27 16.13 -2.30
N GLU B 91 39.54 16.48 -2.38
CA GLU B 91 40.25 16.94 -1.20
C GLU B 91 39.64 18.22 -0.66
N GLU B 92 39.59 19.24 -1.50
CA GLU B 92 39.04 20.53 -1.09
C GLU B 92 37.60 20.38 -0.59
N GLU B 93 36.85 19.45 -1.15
CA GLU B 93 35.47 19.23 -0.71
C GLU B 93 35.47 18.81 0.75
N LYS B 94 36.30 17.83 1.06
CA LYS B 94 36.41 17.29 2.41
C LYS B 94 36.80 18.34 3.42
N ILE B 95 37.65 19.28 3.01
CA ILE B 95 38.08 20.34 3.89
C ILE B 95 36.93 21.26 4.22
N ARG B 96 36.18 21.64 3.18
CA ARG B 96 35.04 22.53 3.36
C ARG B 96 34.03 21.86 4.27
N VAL B 97 33.84 20.56 4.04
CA VAL B 97 32.90 19.79 4.85
C VAL B 97 33.36 19.84 6.31
N ASP B 98 34.64 19.52 6.53
CA ASP B 98 35.19 19.53 7.88
C ASP B 98 35.04 20.87 8.57
N ILE B 99 35.42 21.94 7.88
CA ILE B 99 35.33 23.25 8.49
C ILE B 99 33.89 23.57 8.84
N LEU B 100 33.00 23.36 7.88
CA LEU B 100 31.57 23.64 8.09
C LEU B 100 30.96 22.78 9.17
N GLU B 101 31.21 21.48 9.07
CA GLU B 101 30.74 20.49 10.03
C GLU B 101 30.87 21.09 11.43
N ASN B 102 32.03 21.66 11.73
CA ASN B 102 32.28 22.26 13.04
C ASN B 102 31.86 23.72 13.17
N GLN B 103 31.94 24.48 12.08
CA GLN B 103 31.57 25.88 12.13
C GLN B 103 30.11 26.06 12.50
N THR B 104 29.24 25.36 11.77
CA THR B 104 27.81 25.45 12.03
C THR B 104 27.49 25.10 13.46
N MET B 105 28.10 24.02 13.94
CA MET B 105 27.91 23.55 15.31
C MET B 105 28.25 24.67 16.28
N ASP B 106 29.31 25.42 15.98
CA ASP B 106 29.73 26.53 16.84
C ASP B 106 28.64 27.58 16.86
N ASN B 107 28.35 28.12 15.69
CA ASN B 107 27.33 29.13 15.53
C ASN B 107 26.02 28.70 16.17
N HIS B 108 25.71 27.41 16.06
CA HIS B 108 24.49 26.89 16.66
C HIS B 108 24.52 27.01 18.17
N MET B 109 25.54 26.42 18.81
CA MET B 109 25.66 26.47 20.26
C MET B 109 25.60 27.90 20.77
N GLN B 110 26.12 28.82 19.97
CA GLN B 110 26.14 30.24 20.35
C GLN B 110 24.74 30.74 20.57
N LEU B 111 23.88 30.50 19.58
CA LEU B 111 22.49 30.89 19.64
C LEU B 111 21.87 30.16 20.81
N GLY B 112 22.12 28.85 20.85
CA GLY B 112 21.61 28.03 21.91
C GLY B 112 21.94 28.61 23.27
N MET B 113 23.20 28.95 23.48
CA MET B 113 23.61 29.49 24.77
C MET B 113 22.81 30.67 25.29
N ILE B 114 22.59 31.67 24.44
CA ILE B 114 21.84 32.85 24.87
C ILE B 114 20.35 32.60 24.94
N CYS B 115 19.83 31.78 24.04
CA CYS B 115 18.40 31.50 24.04
C CYS B 115 18.00 30.68 25.27
N TYR B 116 18.98 30.08 25.95
CA TYR B 116 18.73 29.30 27.16
C TYR B 116 19.12 30.13 28.38
N ASN B 117 19.78 31.27 28.15
CA ASN B 117 20.20 32.16 29.24
C ASN B 117 19.02 33.03 29.70
N PRO B 118 18.73 33.01 31.02
CA PRO B 118 17.63 33.78 31.61
C PRO B 118 17.66 35.24 31.21
N GLU B 119 18.86 35.82 31.19
CA GLU B 119 19.01 37.22 30.83
C GLU B 119 19.03 37.41 29.31
N PHE B 120 18.38 36.48 28.60
CA PHE B 120 18.30 36.52 27.14
C PHE B 120 18.01 37.91 26.62
N GLU B 121 17.06 38.58 27.25
CA GLU B 121 16.66 39.93 26.84
C GLU B 121 17.82 40.93 26.81
N LYS B 122 18.68 40.87 27.82
CA LYS B 122 19.83 41.76 27.90
C LYS B 122 20.95 41.40 26.92
N LEU B 123 21.20 40.11 26.74
CA LEU B 123 22.24 39.62 25.84
C LEU B 123 21.90 39.76 24.37
N LYS B 124 20.61 39.73 24.04
CA LYS B 124 20.12 39.84 22.67
C LYS B 124 20.73 41.00 21.84
N PRO B 125 20.76 42.23 22.40
CA PRO B 125 21.31 43.40 21.71
C PRO B 125 22.66 43.19 21.05
N LYS B 126 23.62 42.70 21.83
CA LYS B 126 24.96 42.45 21.33
C LYS B 126 24.99 41.35 20.26
N TYR B 127 24.35 40.22 20.56
CA TYR B 127 24.30 39.09 19.63
C TYR B 127 23.90 39.55 18.23
N LEU B 128 22.84 40.35 18.18
CA LEU B 128 22.31 40.86 16.91
C LEU B 128 23.29 41.79 16.19
N GLU B 129 23.94 42.63 16.96
CA GLU B 129 24.92 43.59 16.43
C GLU B 129 26.04 42.84 15.71
N GLU B 130 26.35 41.63 16.18
CA GLU B 130 27.43 40.82 15.60
C GLU B 130 27.02 39.91 14.44
N LEU B 131 25.80 39.41 14.50
CA LEU B 131 25.24 38.51 13.50
C LEU B 131 25.55 38.77 12.02
N PRO B 132 25.37 40.02 11.57
CA PRO B 132 25.64 40.35 10.16
C PRO B 132 26.95 39.77 9.65
N GLU B 133 28.00 40.01 10.44
CA GLU B 133 29.32 39.54 10.08
C GLU B 133 29.35 38.02 9.95
N LYS B 134 28.63 37.34 10.85
CA LYS B 134 28.59 35.88 10.81
C LYS B 134 28.03 35.42 9.47
N LEU B 135 26.86 35.92 9.14
CA LEU B 135 26.20 35.56 7.90
C LEU B 135 27.10 35.85 6.72
N LYS B 136 27.71 37.03 6.75
CA LYS B 136 28.60 37.47 5.70
C LYS B 136 29.64 36.40 5.37
N LEU B 137 30.24 35.83 6.42
CA LEU B 137 31.26 34.81 6.26
C LEU B 137 30.74 33.64 5.45
N TYR B 138 29.49 33.27 5.72
CA TYR B 138 28.88 32.17 4.98
C TYR B 138 28.67 32.60 3.55
N SER B 139 28.22 33.84 3.40
CA SER B 139 27.98 34.41 2.09
C SER B 139 29.29 34.36 1.30
N GLU B 140 30.33 34.94 1.90
CA GLU B 140 31.64 34.98 1.27
C GLU B 140 32.11 33.58 0.94
N PHE B 141 31.95 32.70 1.92
CA PHE B 141 32.37 31.31 1.78
C PHE B 141 31.73 30.61 0.62
N LEU B 142 30.40 30.68 0.56
CA LEU B 142 29.65 30.04 -0.52
C LEU B 142 29.99 30.67 -1.86
N GLY B 143 29.88 32.01 -1.90
CA GLY B 143 30.17 32.75 -3.12
C GLY B 143 29.23 32.42 -4.26
N LYS B 144 29.80 32.00 -5.38
CA LYS B 144 29.03 31.67 -6.57
C LYS B 144 28.82 30.18 -6.76
N ARG B 145 29.04 29.42 -5.69
CA ARG B 145 28.87 27.98 -5.76
C ARG B 145 27.41 27.63 -5.53
N PRO B 146 26.92 26.58 -6.21
CA PRO B 146 25.52 26.16 -6.06
C PRO B 146 25.33 25.58 -4.66
N TRP B 147 26.38 24.93 -4.15
CA TRP B 147 26.39 24.30 -2.82
C TRP B 147 27.69 24.66 -2.12
N PHE B 148 27.67 24.58 -0.79
CA PHE B 148 28.84 24.89 0.04
C PHE B 148 30.12 24.07 -0.18
N ALA B 149 29.99 22.78 -0.43
CA ALA B 149 31.16 21.94 -0.66
C ALA B 149 31.71 22.21 -2.05
N GLY B 150 30.83 22.58 -2.97
CA GLY B 150 31.22 22.85 -4.34
C GLY B 150 30.04 22.73 -5.28
N ASN B 151 30.22 21.94 -6.34
CA ASN B 151 29.16 21.72 -7.32
C ASN B 151 28.16 20.65 -6.90
N LYS B 152 28.57 19.81 -5.96
CA LYS B 152 27.72 18.75 -5.43
C LYS B 152 27.24 19.03 -4.01
N ILE B 153 25.99 18.66 -3.76
CA ILE B 153 25.40 18.86 -2.45
C ILE B 153 25.99 17.82 -1.49
N THR B 154 26.17 18.23 -0.24
CA THR B 154 26.68 17.33 0.78
C THR B 154 25.90 17.60 2.05
N PHE B 155 26.13 16.77 3.07
CA PHE B 155 25.38 16.94 4.30
C PHE B 155 25.56 18.28 4.99
N VAL B 156 26.67 18.95 4.71
CA VAL B 156 26.91 20.23 5.36
C VAL B 156 25.89 21.28 4.93
N ASP B 157 25.37 21.11 3.73
CA ASP B 157 24.38 22.03 3.21
C ASP B 157 23.17 22.07 4.14
N PHE B 158 22.86 20.91 4.71
CA PHE B 158 21.75 20.80 5.63
C PHE B 158 22.07 21.51 6.93
N LEU B 159 23.33 21.44 7.34
CA LEU B 159 23.73 22.09 8.57
C LEU B 159 23.67 23.60 8.40
N VAL B 160 24.18 24.07 7.29
CA VAL B 160 24.16 25.50 7.00
C VAL B 160 22.72 26.00 6.93
N TYR B 161 21.90 25.27 6.18
CA TYR B 161 20.52 25.64 6.03
C TYR B 161 19.88 25.87 7.38
N ASP B 162 19.91 24.83 8.21
CA ASP B 162 19.32 24.89 9.53
C ASP B 162 19.78 26.16 10.23
N VAL B 163 21.07 26.45 10.15
CA VAL B 163 21.59 27.62 10.82
C VAL B 163 21.00 28.89 10.25
N LEU B 164 21.04 29.00 8.93
CA LEU B 164 20.49 30.16 8.25
C LEU B 164 19.01 30.30 8.56
N ASP B 165 18.27 29.22 8.38
CA ASP B 165 16.83 29.20 8.64
C ASP B 165 16.52 29.67 10.05
N LEU B 166 17.19 29.08 11.03
CA LEU B 166 16.98 29.44 12.43
C LEU B 166 17.13 30.93 12.65
N HIS B 167 17.98 31.54 11.84
CA HIS B 167 18.20 32.94 11.99
C HIS B 167 17.18 33.84 11.32
N ARG B 168 16.56 33.37 10.25
CA ARG B 168 15.53 34.17 9.58
C ARG B 168 14.33 34.19 10.53
N ILE B 169 14.23 33.13 11.33
CA ILE B 169 13.17 32.99 12.32
C ILE B 169 13.47 33.92 13.49
N PHE B 170 14.74 33.97 13.87
CA PHE B 170 15.19 34.81 14.99
C PHE B 170 15.15 36.30 14.61
N GLU B 171 15.57 36.59 13.38
CA GLU B 171 15.59 37.94 12.82
C GLU B 171 15.43 37.78 11.30
N PRO B 172 14.20 37.94 10.81
CA PRO B 172 13.81 37.84 9.40
C PRO B 172 14.62 38.65 8.37
N LYS B 173 14.99 39.87 8.73
CA LYS B 173 15.74 40.73 7.82
C LYS B 173 17.22 40.40 7.71
N CYS B 174 17.70 39.52 8.58
CA CYS B 174 19.10 39.12 8.62
C CYS B 174 19.73 38.71 7.29
N LEU B 175 19.06 37.82 6.57
CA LEU B 175 19.58 37.32 5.30
C LEU B 175 19.37 38.24 4.10
N ASP B 176 18.57 39.29 4.29
CA ASP B 176 18.25 40.23 3.23
C ASP B 176 19.46 40.77 2.46
N ALA B 177 20.55 41.02 3.18
CA ALA B 177 21.75 41.55 2.56
C ALA B 177 22.64 40.56 1.80
N PHE B 178 22.27 39.29 1.82
CA PHE B 178 23.09 38.26 1.14
C PHE B 178 22.24 37.46 0.19
N PRO B 179 22.12 37.94 -1.05
CA PRO B 179 21.33 37.30 -2.12
C PRO B 179 21.67 35.82 -2.33
N ASN B 180 22.96 35.53 -2.48
CA ASN B 180 23.43 34.17 -2.69
C ASN B 180 22.96 33.19 -1.59
N LEU B 181 22.79 33.73 -0.39
CA LEU B 181 22.32 32.94 0.74
C LEU B 181 20.84 32.67 0.60
N LYS B 182 20.09 33.72 0.25
CA LYS B 182 18.66 33.61 0.05
C LYS B 182 18.40 32.64 -1.08
N ASP B 183 19.25 32.65 -2.09
CA ASP B 183 19.09 31.74 -3.23
C ASP B 183 19.43 30.33 -2.80
N PHE B 184 20.35 30.22 -1.84
CA PHE B 184 20.73 28.92 -1.31
C PHE B 184 19.49 28.31 -0.66
N ILE B 185 18.87 29.06 0.25
CA ILE B 185 17.66 28.64 0.95
C ILE B 185 16.56 28.21 -0.03
N SER B 186 16.42 28.95 -1.12
CA SER B 186 15.40 28.63 -2.13
C SER B 186 15.77 27.35 -2.83
N ARG B 187 17.04 27.24 -3.22
CA ARG B 187 17.53 26.06 -3.92
C ARG B 187 17.43 24.82 -3.05
N PHE B 188 17.55 25.00 -1.73
CA PHE B 188 17.46 23.87 -0.79
C PHE B 188 16.02 23.40 -0.61
N GLU B 189 15.15 24.33 -0.20
CA GLU B 189 13.75 24.01 0.02
C GLU B 189 13.06 23.59 -1.28
N GLY B 190 13.65 23.96 -2.41
CA GLY B 190 13.09 23.60 -3.69
C GLY B 190 13.43 22.17 -4.07
N LEU B 191 14.30 21.53 -3.29
CA LEU B 191 14.67 20.15 -3.58
C LEU B 191 13.41 19.31 -3.45
N GLU B 192 13.15 18.50 -4.46
CA GLU B 192 11.96 17.67 -4.52
C GLU B 192 11.52 17.07 -3.19
N LYS B 193 12.36 16.18 -2.68
CA LYS B 193 12.08 15.50 -1.42
C LYS B 193 12.05 16.42 -0.22
N ILE B 194 12.73 17.55 -0.31
CA ILE B 194 12.75 18.51 0.79
C ILE B 194 11.45 19.28 0.81
N SER B 195 11.01 19.69 -0.37
CA SER B 195 9.77 20.45 -0.54
C SER B 195 8.61 19.62 -0.02
N ALA B 196 8.52 18.39 -0.56
CA ALA B 196 7.48 17.44 -0.19
C ALA B 196 7.39 17.22 1.31
N TYR B 197 8.53 16.92 1.92
CA TYR B 197 8.63 16.68 3.36
C TYR B 197 8.19 17.89 4.17
N MET B 198 8.38 19.09 3.62
CA MET B 198 7.98 20.30 4.33
C MET B 198 6.46 20.46 4.34
N LYS B 199 5.81 19.92 3.32
CA LYS B 199 4.35 19.99 3.20
C LYS B 199 3.70 18.79 3.90
N SER B 200 4.51 17.88 4.41
CA SER B 200 3.99 16.70 5.10
C SER B 200 3.64 16.99 6.56
N SER B 201 3.11 15.95 7.21
CA SER B 201 2.72 16.03 8.62
C SER B 201 3.93 15.79 9.52
N ARG B 202 4.92 15.10 8.97
CA ARG B 202 6.16 14.77 9.69
C ARG B 202 6.99 16.00 10.04
N PHE B 203 6.98 16.98 9.14
CA PHE B 203 7.73 18.24 9.30
C PHE B 203 7.59 18.89 10.67
N LEU B 204 8.66 18.87 11.46
CA LEU B 204 8.66 19.44 12.81
C LEU B 204 9.68 20.56 12.90
N PRO B 205 9.27 21.79 12.57
CA PRO B 205 10.13 22.97 12.61
C PRO B 205 10.06 23.76 13.92
N ARG B 206 9.16 23.35 14.80
CA ARG B 206 9.01 24.06 16.07
C ARG B 206 8.42 23.14 17.12
N PRO B 207 8.74 23.38 18.41
CA PRO B 207 9.59 24.43 18.97
C PRO B 207 11.04 24.27 18.51
N VAL B 208 11.73 25.40 18.44
CA VAL B 208 13.12 25.42 18.01
C VAL B 208 13.98 24.73 19.06
N PHE B 209 13.75 25.08 20.31
CA PHE B 209 14.49 24.52 21.43
C PHE B 209 13.57 23.82 22.42
N SER B 210 14.16 23.27 23.48
CA SER B 210 13.38 22.58 24.50
C SER B 210 12.62 23.56 25.37
N LYS B 211 11.79 23.01 26.25
CA LYS B 211 10.98 23.82 27.15
C LYS B 211 11.80 24.71 28.10
N MET B 212 13.05 24.32 28.34
CA MET B 212 13.95 25.08 29.23
C MET B 212 14.37 26.41 28.60
N ALA B 213 14.27 26.48 27.28
CA ALA B 213 14.64 27.69 26.54
C ALA B 213 13.80 28.91 26.88
N VAL B 214 14.41 30.08 26.79
CA VAL B 214 13.72 31.34 27.07
C VAL B 214 13.16 31.86 25.74
N TRP B 215 13.72 31.36 24.64
CA TRP B 215 13.29 31.74 23.29
C TRP B 215 13.10 30.47 22.45
N GLY B 216 12.06 30.47 21.63
CA GLY B 216 11.79 29.32 20.77
C GLY B 216 11.53 28.06 21.56
N ASN B 217 11.11 28.24 22.80
CA ASN B 217 10.80 27.12 23.70
C ASN B 217 9.46 26.50 23.33
N LYS B 218 8.71 27.19 22.47
CA LYS B 218 7.42 26.71 22.02
C LYS B 218 7.27 27.02 20.53
N PRO C 2 -11.30 -2.76 -33.66
CA PRO C 2 -12.09 -2.49 -32.44
C PRO C 2 -11.80 -3.57 -31.39
N MET C 3 -11.95 -3.21 -30.12
CA MET C 3 -11.72 -4.15 -29.03
C MET C 3 -12.76 -5.26 -29.12
N ILE C 4 -12.43 -6.41 -28.54
CA ILE C 4 -13.34 -7.55 -28.54
C ILE C 4 -13.40 -8.20 -27.17
N LEU C 5 -14.61 -8.21 -26.62
CA LEU C 5 -14.88 -8.78 -25.30
C LEU C 5 -15.54 -10.17 -25.36
N GLY C 6 -14.78 -11.18 -24.94
CA GLY C 6 -15.28 -12.55 -24.93
C GLY C 6 -15.87 -12.94 -23.59
N TYR C 7 -17.01 -13.61 -23.62
CA TYR C 7 -17.70 -14.07 -22.42
C TYR C 7 -18.82 -15.00 -22.85
N TRP C 8 -19.54 -15.51 -21.86
CA TRP C 8 -20.67 -16.37 -22.16
C TRP C 8 -21.80 -15.48 -22.65
N ASP C 9 -22.81 -16.08 -23.25
CA ASP C 9 -23.96 -15.31 -23.74
C ASP C 9 -24.89 -15.02 -22.56
N ILE C 10 -24.30 -14.44 -21.52
CA ILE C 10 -25.05 -14.10 -20.31
C ILE C 10 -24.55 -12.77 -19.74
N ARG C 11 -25.16 -12.35 -18.64
CA ARG C 11 -24.78 -11.13 -17.96
C ARG C 11 -23.48 -11.38 -17.18
N GLY C 12 -23.63 -11.97 -16.00
CA GLY C 12 -22.49 -12.29 -15.15
C GLY C 12 -21.48 -11.21 -14.84
N LEU C 13 -20.21 -11.57 -15.05
CA LEU C 13 -19.06 -10.71 -14.78
C LEU C 13 -18.81 -9.66 -15.85
N ALA C 14 -19.33 -9.90 -17.05
CA ALA C 14 -19.15 -8.98 -18.15
C ALA C 14 -20.03 -7.76 -18.02
N HIS C 15 -21.04 -7.82 -17.15
CA HIS C 15 -21.95 -6.68 -17.03
C HIS C 15 -21.24 -5.33 -16.80
N ALA C 16 -20.57 -5.18 -15.66
CA ALA C 16 -19.89 -3.92 -15.39
C ALA C 16 -18.95 -3.51 -16.51
N ILE C 17 -18.31 -4.48 -17.16
CA ILE C 17 -17.40 -4.16 -18.25
C ILE C 17 -18.17 -3.57 -19.43
N ARG C 18 -19.24 -4.23 -19.83
CA ARG C 18 -20.07 -3.76 -20.94
C ARG C 18 -20.54 -2.35 -20.65
N LEU C 19 -21.02 -2.11 -19.43
CA LEU C 19 -21.47 -0.79 -19.05
C LEU C 19 -20.37 0.26 -19.16
N LEU C 20 -19.18 -0.08 -18.65
CA LEU C 20 -18.05 0.85 -18.72
C LEU C 20 -17.70 1.16 -20.15
N LEU C 21 -17.50 0.13 -20.95
CA LEU C 21 -17.18 0.27 -22.37
C LEU C 21 -18.15 1.24 -23.07
N GLU C 22 -19.41 1.11 -22.72
CA GLU C 22 -20.45 1.93 -23.27
C GLU C 22 -20.30 3.37 -22.80
N TYR C 23 -20.15 3.55 -21.49
CA TYR C 23 -20.02 4.88 -20.93
C TYR C 23 -18.80 5.62 -21.46
N THR C 24 -17.81 4.88 -21.93
CA THR C 24 -16.61 5.49 -22.46
C THR C 24 -16.61 5.62 -23.98
N ASP C 25 -17.71 5.20 -24.60
CA ASP C 25 -17.84 5.25 -26.06
C ASP C 25 -16.80 4.40 -26.74
N SER C 26 -16.36 3.36 -26.06
CA SER C 26 -15.34 2.48 -26.60
C SER C 26 -15.82 1.72 -27.82
N SER C 27 -14.94 1.59 -28.80
CA SER C 27 -15.23 0.88 -30.04
C SER C 27 -14.99 -0.61 -29.78
N TYR C 28 -16.05 -1.42 -29.80
CA TYR C 28 -15.87 -2.83 -29.52
C TYR C 28 -16.91 -3.79 -30.09
N GLU C 29 -16.55 -5.06 -30.10
CA GLU C 29 -17.41 -6.16 -30.54
C GLU C 29 -17.53 -7.11 -29.34
N GLU C 30 -18.29 -8.20 -29.52
CA GLU C 30 -18.48 -9.20 -28.46
C GLU C 30 -18.39 -10.61 -29.03
N LYS C 31 -17.59 -11.46 -28.39
CA LYS C 31 -17.52 -12.84 -28.82
C LYS C 31 -18.25 -13.64 -27.75
N LYS C 32 -19.57 -13.80 -27.95
CA LYS C 32 -20.43 -14.51 -27.02
C LYS C 32 -20.33 -16.02 -27.23
N TYR C 33 -20.09 -16.74 -26.14
CA TYR C 33 -19.96 -18.20 -26.18
C TYR C 33 -21.24 -18.87 -25.68
N THR C 34 -21.66 -19.93 -26.35
CA THR C 34 -22.88 -20.63 -25.97
C THR C 34 -22.61 -21.94 -25.23
N MET C 35 -23.28 -22.12 -24.11
CA MET C 35 -23.14 -23.33 -23.30
C MET C 35 -24.30 -24.29 -23.64
N GLY C 36 -23.99 -25.57 -23.83
CA GLY C 36 -25.02 -26.56 -24.13
C GLY C 36 -25.96 -26.81 -22.96
N ASP C 37 -27.14 -27.39 -23.24
CA ASP C 37 -28.11 -27.69 -22.20
C ASP C 37 -27.67 -28.84 -21.31
N ALA C 38 -28.41 -29.04 -20.22
CA ALA C 38 -28.14 -30.12 -19.28
C ALA C 38 -28.25 -31.47 -20.03
N PRO C 39 -27.63 -32.54 -19.50
CA PRO C 39 -26.82 -32.57 -18.28
C PRO C 39 -25.32 -32.31 -18.46
N ASP C 40 -24.87 -32.31 -19.72
CA ASP C 40 -23.45 -32.10 -20.05
C ASP C 40 -22.96 -30.66 -19.92
N TYR C 41 -23.81 -29.70 -20.31
CA TYR C 41 -23.46 -28.28 -20.29
C TYR C 41 -22.21 -28.07 -21.13
N ASP C 42 -22.23 -28.66 -22.32
CA ASP C 42 -21.13 -28.59 -23.28
C ASP C 42 -20.51 -27.20 -23.39
N ARG C 43 -19.24 -27.10 -23.00
CA ARG C 43 -18.52 -25.82 -23.02
C ARG C 43 -17.60 -25.71 -24.24
N SER C 44 -17.48 -26.79 -25.01
CA SER C 44 -16.60 -26.87 -26.17
C SER C 44 -16.44 -25.64 -27.08
N GLN C 45 -17.49 -24.84 -27.24
CA GLN C 45 -17.41 -23.66 -28.09
C GLN C 45 -16.27 -22.75 -27.63
N TRP C 46 -16.09 -22.69 -26.31
CA TRP C 46 -15.05 -21.88 -25.67
C TRP C 46 -13.74 -22.65 -25.48
N LEU C 47 -13.85 -23.92 -25.08
CA LEU C 47 -12.68 -24.77 -24.85
C LEU C 47 -11.82 -24.97 -26.09
N ASN C 48 -12.45 -25.06 -27.25
CA ASN C 48 -11.74 -25.24 -28.52
C ASN C 48 -10.96 -23.99 -28.93
N GLU C 49 -11.22 -22.88 -28.25
CA GLU C 49 -10.58 -21.60 -28.52
C GLU C 49 -9.72 -21.11 -27.35
N LYS C 50 -10.09 -21.54 -26.15
CA LYS C 50 -9.43 -21.14 -24.92
C LYS C 50 -7.92 -20.91 -24.98
N PHE C 51 -7.19 -21.88 -25.52
CA PHE C 51 -5.74 -21.75 -25.58
C PHE C 51 -5.21 -21.28 -26.93
N LYS C 52 -6.09 -20.87 -27.82
CA LYS C 52 -5.70 -20.41 -29.15
C LYS C 52 -5.64 -18.89 -29.24
N LEU C 53 -6.21 -18.22 -28.26
CA LEU C 53 -6.26 -16.76 -28.26
C LEU C 53 -5.01 -16.02 -27.82
N GLY C 54 -4.00 -16.74 -27.33
CA GLY C 54 -2.78 -16.09 -26.89
C GLY C 54 -2.92 -15.43 -25.53
N LEU C 55 -3.96 -15.81 -24.81
CA LEU C 55 -4.18 -15.27 -23.47
C LEU C 55 -3.13 -15.87 -22.54
N ASP C 56 -2.74 -15.10 -21.52
CA ASP C 56 -1.75 -15.59 -20.57
C ASP C 56 -2.38 -16.59 -19.61
N PHE C 57 -3.49 -16.21 -18.99
CA PHE C 57 -4.21 -17.08 -18.05
C PHE C 57 -5.64 -17.26 -18.57
N PRO C 58 -5.81 -18.04 -19.65
CA PRO C 58 -7.10 -18.32 -20.30
C PRO C 58 -8.30 -18.33 -19.37
N ASN C 59 -9.27 -17.44 -19.64
CA ASN C 59 -10.45 -17.33 -18.81
C ASN C 59 -11.53 -16.45 -19.46
N LEU C 60 -12.64 -16.26 -18.76
CA LEU C 60 -13.74 -15.42 -19.23
C LEU C 60 -14.16 -14.61 -18.02
N PRO C 61 -14.37 -13.30 -18.20
CA PRO C 61 -14.25 -12.59 -19.47
C PRO C 61 -12.81 -12.33 -19.85
N TYR C 62 -12.60 -12.09 -21.13
CA TYR C 62 -11.29 -11.75 -21.67
C TYR C 62 -11.48 -10.56 -22.62
N LEU C 63 -10.51 -9.66 -22.66
CA LEU C 63 -10.60 -8.49 -23.54
C LEU C 63 -9.41 -8.41 -24.50
N ILE C 64 -9.69 -8.15 -25.77
CA ILE C 64 -8.61 -8.06 -26.74
C ILE C 64 -8.57 -6.70 -27.43
N ASP C 65 -7.53 -5.93 -27.13
CA ASP C 65 -7.32 -4.62 -27.73
C ASP C 65 -6.03 -4.66 -28.51
N GLY C 66 -6.14 -5.07 -29.78
CA GLY C 66 -4.97 -5.15 -30.62
C GLY C 66 -3.98 -6.16 -30.11
N ALA C 67 -2.82 -5.69 -29.66
CA ALA C 67 -1.75 -6.55 -29.14
C ALA C 67 -1.97 -6.92 -27.67
N HIS C 68 -2.87 -6.23 -27.00
CA HIS C 68 -3.16 -6.50 -25.59
C HIS C 68 -4.25 -7.55 -25.37
N LYS C 69 -3.88 -8.67 -24.76
CA LYS C 69 -4.84 -9.74 -24.43
C LYS C 69 -4.97 -9.70 -22.90
N ILE C 70 -6.19 -9.54 -22.39
CA ILE C 70 -6.40 -9.44 -20.95
C ILE C 70 -7.50 -10.35 -20.38
N THR C 71 -7.27 -10.83 -19.16
CA THR C 71 -8.23 -11.68 -18.45
C THR C 71 -8.43 -11.09 -17.06
N GLN C 72 -9.32 -11.68 -16.27
CA GLN C 72 -9.63 -11.18 -14.92
C GLN C 72 -10.43 -9.90 -15.04
N SER C 73 -11.72 -10.00 -14.78
CA SER C 73 -12.62 -8.85 -14.88
C SER C 73 -12.05 -7.54 -14.36
N ASN C 74 -11.56 -7.52 -13.13
CA ASN C 74 -11.00 -6.30 -12.56
C ASN C 74 -9.78 -5.81 -13.31
N ALA C 75 -9.05 -6.73 -13.93
CA ALA C 75 -7.89 -6.35 -14.68
C ALA C 75 -8.38 -5.61 -15.93
N ILE C 76 -9.40 -6.18 -16.57
CA ILE C 76 -10.00 -5.61 -17.76
C ILE C 76 -10.60 -4.23 -17.49
N LEU C 77 -11.28 -4.08 -16.37
CA LEU C 77 -11.87 -2.81 -16.01
C LEU C 77 -10.87 -1.67 -15.87
N CYS C 78 -9.77 -1.90 -15.17
CA CYS C 78 -8.74 -0.86 -14.97
C CYS C 78 -8.11 -0.49 -16.31
N TYR C 79 -7.89 -1.50 -17.14
CA TYR C 79 -7.30 -1.29 -18.45
C TYR C 79 -8.11 -0.25 -19.20
N ILE C 80 -9.42 -0.48 -19.22
CA ILE C 80 -10.35 0.40 -19.88
C ILE C 80 -10.43 1.72 -19.14
N ALA C 81 -10.64 1.67 -17.82
CA ALA C 81 -10.74 2.90 -17.04
C ALA C 81 -9.52 3.81 -17.14
N ARG C 82 -8.33 3.23 -17.32
CA ARG C 82 -7.10 4.03 -17.42
C ARG C 82 -7.08 4.94 -18.64
N LYS C 83 -7.66 4.47 -19.74
CA LYS C 83 -7.72 5.24 -20.97
C LYS C 83 -8.61 6.48 -20.83
N HIS C 84 -9.43 6.52 -19.79
CA HIS C 84 -10.35 7.64 -19.59
C HIS C 84 -10.28 8.23 -18.18
N ASN C 85 -9.19 7.97 -17.46
CA ASN C 85 -8.99 8.48 -16.11
C ASN C 85 -10.10 8.17 -15.11
N LEU C 86 -10.51 6.91 -15.09
CA LEU C 86 -11.57 6.46 -14.19
C LEU C 86 -11.02 5.42 -13.22
N CYS C 87 -9.70 5.31 -13.18
CA CYS C 87 -9.05 4.35 -12.29
C CYS C 87 -8.66 5.01 -10.97
N GLY C 88 -9.14 6.23 -10.75
CA GLY C 88 -8.81 6.93 -9.52
C GLY C 88 -7.67 7.92 -9.71
N GLU C 89 -7.68 8.99 -8.92
CA GLU C 89 -6.63 10.01 -9.02
C GLU C 89 -5.93 10.31 -7.71
N THR C 90 -6.67 10.83 -6.74
CA THR C 90 -6.06 11.16 -5.44
C THR C 90 -5.64 9.90 -4.70
N GLU C 91 -4.97 10.07 -3.57
CA GLU C 91 -4.54 8.93 -2.78
C GLU C 91 -5.78 8.23 -2.24
N GLU C 92 -6.59 8.96 -1.47
CA GLU C 92 -7.80 8.40 -0.89
C GLU C 92 -8.70 7.76 -1.94
N GLU C 93 -8.68 8.30 -3.16
CA GLU C 93 -9.49 7.74 -4.23
C GLU C 93 -9.01 6.35 -4.61
N LYS C 94 -7.71 6.19 -4.78
CA LYS C 94 -7.14 4.89 -5.15
C LYS C 94 -7.37 3.81 -4.08
N ILE C 95 -7.45 4.24 -2.83
CA ILE C 95 -7.69 3.36 -1.71
C ILE C 95 -9.10 2.80 -1.88
N ARG C 96 -10.08 3.70 -1.89
CA ARG C 96 -11.48 3.32 -2.06
C ARG C 96 -11.67 2.44 -3.26
N VAL C 97 -10.98 2.75 -4.35
CA VAL C 97 -11.07 1.95 -5.55
C VAL C 97 -10.58 0.54 -5.25
N ASP C 98 -9.38 0.44 -4.66
CA ASP C 98 -8.79 -0.86 -4.31
C ASP C 98 -9.71 -1.67 -3.42
N ILE C 99 -10.18 -1.05 -2.34
CA ILE C 99 -11.07 -1.73 -1.42
C ILE C 99 -12.32 -2.26 -2.14
N LEU C 100 -13.04 -1.38 -2.82
CA LEU C 100 -14.25 -1.79 -3.53
C LEU C 100 -13.99 -2.78 -4.66
N GLU C 101 -12.94 -2.53 -5.42
CA GLU C 101 -12.59 -3.42 -6.53
C GLU C 101 -12.64 -4.87 -6.06
N ASN C 102 -12.18 -5.10 -4.83
CA ASN C 102 -12.14 -6.44 -4.24
C ASN C 102 -13.37 -6.76 -3.41
N GLN C 103 -13.89 -5.78 -2.68
CA GLN C 103 -15.08 -5.99 -1.87
C GLN C 103 -16.21 -6.51 -2.72
N THR C 104 -16.49 -5.81 -3.81
CA THR C 104 -17.57 -6.20 -4.71
C THR C 104 -17.36 -7.62 -5.25
N MET C 105 -16.12 -7.92 -5.65
CA MET C 105 -15.79 -9.22 -6.19
C MET C 105 -16.11 -10.31 -5.15
N ASP C 106 -15.95 -9.97 -3.87
CA ASP C 106 -16.23 -10.90 -2.78
C ASP C 106 -17.73 -11.13 -2.71
N ASN C 107 -18.47 -10.06 -2.43
CA ASN C 107 -19.92 -10.06 -2.31
C ASN C 107 -20.59 -10.72 -3.51
N HIS C 108 -19.94 -10.62 -4.67
CA HIS C 108 -20.45 -11.21 -5.89
C HIS C 108 -20.33 -12.73 -5.79
N MET C 109 -19.09 -13.22 -5.61
CA MET C 109 -18.84 -14.65 -5.49
C MET C 109 -19.71 -15.29 -4.44
N GLN C 110 -20.03 -14.52 -3.40
CA GLN C 110 -20.86 -15.02 -2.33
C GLN C 110 -22.21 -15.42 -2.89
N LEU C 111 -22.83 -14.48 -3.61
CA LEU C 111 -24.11 -14.71 -4.25
C LEU C 111 -23.96 -15.86 -5.23
N GLY C 112 -22.95 -15.77 -6.07
CA GLY C 112 -22.72 -16.80 -7.07
C GLY C 112 -22.63 -18.19 -6.48
N MET C 113 -21.93 -18.32 -5.36
CA MET C 113 -21.76 -19.61 -4.71
C MET C 113 -23.06 -20.31 -4.35
N ILE C 114 -23.98 -19.59 -3.71
CA ILE C 114 -25.25 -20.19 -3.32
C ILE C 114 -26.21 -20.36 -4.49
N CYS C 115 -26.16 -19.43 -5.44
CA CYS C 115 -27.01 -19.51 -6.61
C CYS C 115 -26.61 -20.67 -7.51
N TYR C 116 -25.43 -21.23 -7.27
CA TYR C 116 -24.95 -22.36 -8.06
C TYR C 116 -25.05 -23.62 -7.20
N ASN C 117 -25.35 -23.43 -5.92
CA ASN C 117 -25.49 -24.54 -4.98
C ASN C 117 -26.85 -25.21 -5.14
N PRO C 118 -26.86 -26.54 -5.35
CA PRO C 118 -28.10 -27.30 -5.51
C PRO C 118 -29.08 -27.09 -4.35
N GLU C 119 -28.51 -26.95 -3.15
CA GLU C 119 -29.31 -26.73 -1.94
C GLU C 119 -29.66 -25.26 -1.74
N PHE C 120 -29.62 -24.50 -2.84
CA PHE C 120 -29.92 -23.08 -2.86
C PHE C 120 -31.10 -22.71 -1.98
N GLU C 121 -32.18 -23.47 -2.14
CA GLU C 121 -33.40 -23.23 -1.39
C GLU C 121 -33.19 -23.22 0.12
N LYS C 122 -32.36 -24.14 0.59
CA LYS C 122 -32.07 -24.26 2.02
C LYS C 122 -31.16 -23.14 2.52
N LEU C 123 -30.15 -22.82 1.71
CA LEU C 123 -29.17 -21.77 2.03
C LEU C 123 -29.72 -20.35 1.97
N LYS C 124 -30.68 -20.13 1.07
CA LYS C 124 -31.31 -18.83 0.88
C LYS C 124 -31.72 -18.10 2.16
N PRO C 125 -32.43 -18.77 3.09
CA PRO C 125 -32.87 -18.12 4.34
C PRO C 125 -31.80 -17.34 5.11
N LYS C 126 -30.64 -17.94 5.29
CA LYS C 126 -29.54 -17.31 6.03
C LYS C 126 -28.95 -16.14 5.27
N TYR C 127 -28.64 -16.36 4.00
CA TYR C 127 -28.06 -15.32 3.15
C TYR C 127 -28.88 -14.04 3.22
N LEU C 128 -30.20 -14.17 3.14
CA LEU C 128 -31.12 -13.03 3.21
C LEU C 128 -31.09 -12.37 4.58
N GLU C 129 -30.95 -13.18 5.62
CA GLU C 129 -30.92 -12.67 6.99
C GLU C 129 -29.71 -11.77 7.18
N GLU C 130 -28.64 -12.07 6.44
CA GLU C 130 -27.38 -11.32 6.53
C GLU C 130 -27.26 -10.11 5.60
N LEU C 131 -27.83 -10.22 4.39
CA LEU C 131 -27.79 -9.16 3.37
C LEU C 131 -27.94 -7.70 3.83
N PRO C 132 -28.95 -7.39 4.66
CA PRO C 132 -29.14 -6.02 5.13
C PRO C 132 -27.88 -5.35 5.63
N GLU C 133 -27.11 -6.06 6.45
CA GLU C 133 -25.88 -5.51 6.97
C GLU C 133 -24.88 -5.26 5.84
N LYS C 134 -24.83 -6.17 4.87
CA LYS C 134 -23.92 -6.02 3.73
C LYS C 134 -24.21 -4.69 3.01
N LEU C 135 -25.47 -4.53 2.62
CA LEU C 135 -25.94 -3.34 1.94
C LEU C 135 -25.63 -2.12 2.78
N LYS C 136 -25.91 -2.21 4.08
CA LYS C 136 -25.65 -1.11 5.00
C LYS C 136 -24.21 -0.63 4.91
N LEU C 137 -23.28 -1.56 4.76
CA LEU C 137 -21.88 -1.22 4.68
C LEU C 137 -21.62 -0.30 3.51
N TYR C 138 -22.22 -0.62 2.37
CA TYR C 138 -22.10 0.20 1.17
C TYR C 138 -22.74 1.57 1.38
N SER C 139 -23.90 1.59 2.02
CA SER C 139 -24.59 2.84 2.30
C SER C 139 -23.70 3.71 3.15
N GLU C 140 -23.25 3.16 4.27
CA GLU C 140 -22.37 3.88 5.18
C GLU C 140 -21.13 4.38 4.43
N PHE C 141 -20.57 3.49 3.61
CA PHE C 141 -19.37 3.80 2.85
C PHE C 141 -19.56 4.98 1.91
N LEU C 142 -20.60 4.92 1.10
CA LEU C 142 -20.93 5.98 0.14
C LEU C 142 -21.29 7.26 0.87
N GLY C 143 -22.17 7.15 1.85
CA GLY C 143 -22.59 8.30 2.63
C GLY C 143 -23.17 9.40 1.77
N LYS C 144 -22.63 10.61 1.93
CA LYS C 144 -23.12 11.76 1.17
C LYS C 144 -22.35 12.04 -0.13
N ARG C 145 -21.55 11.09 -0.58
CA ARG C 145 -20.78 11.26 -1.82
C ARG C 145 -21.63 10.96 -3.04
N PRO C 146 -21.39 11.67 -4.16
CA PRO C 146 -22.13 11.47 -5.40
C PRO C 146 -21.73 10.15 -6.03
N TRP C 147 -20.47 9.77 -5.78
CA TRP C 147 -19.91 8.52 -6.26
C TRP C 147 -19.11 7.86 -5.16
N PHE C 148 -18.81 6.58 -5.34
CA PHE C 148 -18.09 5.84 -4.33
C PHE C 148 -16.66 6.28 -4.14
N ALA C 149 -15.96 6.55 -5.22
CA ALA C 149 -14.58 7.01 -5.13
C ALA C 149 -14.52 8.40 -4.49
N GLY C 150 -15.53 9.22 -4.76
CA GLY C 150 -15.57 10.57 -4.21
C GLY C 150 -16.50 11.43 -5.05
N ASN C 151 -16.01 12.57 -5.51
CA ASN C 151 -16.83 13.46 -6.34
C ASN C 151 -16.82 13.06 -7.81
N LYS C 152 -15.84 12.26 -8.20
CA LYS C 152 -15.77 11.82 -9.58
C LYS C 152 -16.12 10.34 -9.68
N ILE C 153 -16.72 9.98 -10.81
CA ILE C 153 -17.10 8.59 -11.05
C ILE C 153 -15.88 7.80 -11.49
N THR C 154 -15.82 6.55 -11.05
CA THR C 154 -14.72 5.65 -11.38
C THR C 154 -15.30 4.31 -11.77
N PHE C 155 -14.48 3.39 -12.27
CA PHE C 155 -15.00 2.09 -12.67
C PHE C 155 -15.63 1.27 -11.54
N VAL C 156 -15.23 1.51 -10.30
CA VAL C 156 -15.81 0.76 -9.18
C VAL C 156 -17.29 1.03 -9.02
N ASP C 157 -17.75 2.20 -9.46
CA ASP C 157 -19.16 2.53 -9.35
C ASP C 157 -19.97 1.56 -10.21
N PHE C 158 -19.33 1.04 -11.25
CA PHE C 158 -19.97 0.07 -12.13
C PHE C 158 -20.06 -1.26 -11.41
N LEU C 159 -19.04 -1.57 -10.63
CA LEU C 159 -19.01 -2.83 -9.89
C LEU C 159 -20.05 -2.80 -8.78
N VAL C 160 -20.10 -1.69 -8.05
CA VAL C 160 -21.06 -1.56 -6.98
C VAL C 160 -22.48 -1.60 -7.52
N TYR C 161 -22.69 -0.98 -8.68
CA TYR C 161 -24.02 -0.98 -9.29
C TYR C 161 -24.46 -2.41 -9.60
N ASP C 162 -23.67 -3.12 -10.40
CA ASP C 162 -23.98 -4.49 -10.76
C ASP C 162 -24.36 -5.29 -9.52
N VAL C 163 -23.59 -5.12 -8.46
CA VAL C 163 -23.90 -5.82 -7.24
C VAL C 163 -25.23 -5.37 -6.67
N LEU C 164 -25.39 -4.07 -6.48
CA LEU C 164 -26.63 -3.56 -5.94
C LEU C 164 -27.83 -3.92 -6.82
N ASP C 165 -27.64 -3.90 -8.14
CA ASP C 165 -28.71 -4.24 -9.07
C ASP C 165 -29.10 -5.71 -8.89
N LEU C 166 -28.11 -6.59 -8.98
CA LEU C 166 -28.35 -8.02 -8.82
C LEU C 166 -29.16 -8.33 -7.57
N HIS C 167 -28.99 -7.53 -6.53
CA HIS C 167 -29.73 -7.74 -5.30
C HIS C 167 -31.17 -7.21 -5.26
N ARG C 168 -31.48 -6.22 -6.08
CA ARG C 168 -32.86 -5.73 -6.10
C ARG C 168 -33.63 -6.80 -6.90
N ILE C 169 -32.94 -7.43 -7.84
CA ILE C 169 -33.52 -8.49 -8.66
C ILE C 169 -33.81 -9.69 -7.76
N PHE C 170 -32.81 -10.04 -6.97
CA PHE C 170 -32.88 -11.18 -6.05
C PHE C 170 -33.91 -10.90 -4.95
N GLU C 171 -33.90 -9.67 -4.44
CA GLU C 171 -34.80 -9.24 -3.38
C GLU C 171 -35.06 -7.75 -3.54
N PRO C 172 -36.14 -7.41 -4.24
CA PRO C 172 -36.59 -6.05 -4.54
C PRO C 172 -36.61 -5.04 -3.39
N LYS C 173 -37.06 -5.47 -2.23
CA LYS C 173 -37.15 -4.57 -1.09
C LYS C 173 -35.82 -4.32 -0.38
N CYS C 174 -34.77 -5.02 -0.81
CA CYS C 174 -33.47 -4.91 -0.15
C CYS C 174 -32.92 -3.52 0.01
N LEU C 175 -32.93 -2.76 -1.07
CA LEU C 175 -32.39 -1.40 -1.06
C LEU C 175 -33.30 -0.34 -0.42
N ASP C 176 -34.56 -0.70 -0.21
CA ASP C 176 -35.55 0.22 0.35
C ASP C 176 -35.12 1.03 1.57
N ALA C 177 -34.32 0.43 2.44
CA ALA C 177 -33.88 1.12 3.66
C ALA C 177 -32.67 2.03 3.50
N PHE C 178 -32.10 2.08 2.31
CA PHE C 178 -30.93 2.92 2.06
C PHE C 178 -31.19 3.84 0.88
N PRO C 179 -31.78 5.02 1.16
CA PRO C 179 -32.11 6.01 0.13
C PRO C 179 -30.92 6.37 -0.75
N ASN C 180 -29.82 6.75 -0.11
CA ASN C 180 -28.62 7.13 -0.83
C ASN C 180 -28.17 6.08 -1.83
N LEU C 181 -28.49 4.83 -1.57
CA LEU C 181 -28.13 3.75 -2.47
C LEU C 181 -29.08 3.73 -3.63
N LYS C 182 -30.34 4.03 -3.34
CA LYS C 182 -31.37 4.07 -4.38
C LYS C 182 -31.03 5.21 -5.32
N ASP C 183 -30.70 6.37 -4.74
CA ASP C 183 -30.32 7.55 -5.50
C ASP C 183 -29.10 7.24 -6.33
N PHE C 184 -28.22 6.42 -5.79
CA PHE C 184 -27.01 6.04 -6.50
C PHE C 184 -27.43 5.28 -7.76
N ILE C 185 -28.41 4.40 -7.62
CA ILE C 185 -28.87 3.64 -8.76
C ILE C 185 -29.55 4.54 -9.80
N SER C 186 -30.27 5.53 -9.30
CA SER C 186 -30.94 6.49 -10.16
C SER C 186 -29.87 7.26 -10.95
N ARG C 187 -28.93 7.82 -10.19
CA ARG C 187 -27.84 8.59 -10.73
C ARG C 187 -27.00 7.82 -11.76
N PHE C 188 -26.81 6.53 -11.53
CA PHE C 188 -26.02 5.72 -12.46
C PHE C 188 -26.75 5.42 -13.76
N GLU C 189 -27.99 4.97 -13.64
CA GLU C 189 -28.80 4.65 -14.82
C GLU C 189 -29.22 5.94 -15.53
N GLY C 190 -29.19 7.05 -14.77
CA GLY C 190 -29.53 8.36 -15.31
C GLY C 190 -28.44 8.92 -16.23
N LEU C 191 -27.29 8.27 -16.21
CA LEU C 191 -26.19 8.68 -17.05
C LEU C 191 -26.60 8.46 -18.50
N GLU C 192 -26.45 9.52 -19.28
CA GLU C 192 -26.80 9.55 -20.68
C GLU C 192 -26.47 8.28 -21.46
N LYS C 193 -25.18 7.98 -21.58
CA LYS C 193 -24.79 6.80 -22.34
C LYS C 193 -25.29 5.51 -21.71
N ILE C 194 -25.44 5.52 -20.39
CA ILE C 194 -25.91 4.35 -19.67
C ILE C 194 -27.37 4.15 -20.02
N SER C 195 -28.14 5.21 -19.81
CA SER C 195 -29.57 5.23 -20.09
C SER C 195 -29.82 4.71 -21.50
N ALA C 196 -29.13 5.33 -22.46
CA ALA C 196 -29.25 4.98 -23.85
C ALA C 196 -28.98 3.50 -24.09
N TYR C 197 -27.86 3.03 -23.56
CA TYR C 197 -27.45 1.64 -23.71
C TYR C 197 -28.51 0.68 -23.17
N MET C 198 -29.18 1.06 -22.09
CA MET C 198 -30.21 0.23 -21.49
C MET C 198 -31.44 0.08 -22.39
N LYS C 199 -31.71 1.10 -23.20
CA LYS C 199 -32.84 1.08 -24.12
C LYS C 199 -32.45 0.46 -25.47
N SER C 200 -31.19 0.07 -25.61
CA SER C 200 -30.73 -0.51 -26.87
C SER C 200 -30.99 -2.01 -26.94
N SER C 201 -30.63 -2.59 -28.08
CA SER C 201 -30.81 -4.03 -28.31
C SER C 201 -29.64 -4.79 -27.71
N ARG C 202 -28.53 -4.09 -27.50
CA ARG C 202 -27.31 -4.67 -26.95
C ARG C 202 -27.43 -5.09 -25.48
N PHE C 203 -28.20 -4.32 -24.70
CA PHE C 203 -28.41 -4.55 -23.27
C PHE C 203 -28.77 -6.01 -22.94
N LEU C 204 -27.86 -6.68 -22.23
CA LEU C 204 -28.04 -8.07 -21.84
C LEU C 204 -28.03 -8.17 -20.30
N PRO C 205 -29.18 -7.93 -19.65
CA PRO C 205 -29.28 -7.99 -18.19
C PRO C 205 -29.66 -9.39 -17.66
N ARG C 206 -29.92 -10.32 -18.59
CA ARG C 206 -30.31 -11.68 -18.21
C ARG C 206 -30.00 -12.66 -19.34
N PRO C 207 -29.74 -13.94 -19.01
CA PRO C 207 -29.72 -14.54 -17.67
C PRO C 207 -28.61 -13.95 -16.80
N VAL C 208 -28.85 -13.89 -15.49
CA VAL C 208 -27.86 -13.38 -14.55
C VAL C 208 -26.60 -14.28 -14.48
N PHE C 209 -26.82 -15.60 -14.42
CA PHE C 209 -25.73 -16.58 -14.36
C PHE C 209 -25.84 -17.59 -15.51
N SER C 210 -24.90 -18.53 -15.57
CA SER C 210 -24.92 -19.53 -16.64
C SER C 210 -26.04 -20.54 -16.45
N LYS C 211 -26.16 -21.48 -17.38
CA LYS C 211 -27.19 -22.50 -17.32
C LYS C 211 -27.06 -23.46 -16.12
N MET C 212 -25.84 -23.60 -15.61
CA MET C 212 -25.55 -24.46 -14.46
C MET C 212 -26.17 -23.93 -13.16
N ALA C 213 -26.51 -22.65 -13.15
CA ALA C 213 -27.08 -22.00 -11.97
C ALA C 213 -28.45 -22.56 -11.59
N VAL C 214 -28.75 -22.47 -10.30
CA VAL C 214 -30.02 -22.93 -9.78
C VAL C 214 -30.98 -21.74 -9.75
N TRP C 215 -30.42 -20.54 -9.74
CA TRP C 215 -31.19 -19.29 -9.74
C TRP C 215 -30.63 -18.36 -10.79
N GLY C 216 -31.52 -17.60 -11.44
CA GLY C 216 -31.09 -16.67 -12.47
C GLY C 216 -30.36 -17.36 -13.61
N ASN C 217 -30.64 -18.66 -13.78
CA ASN C 217 -30.01 -19.44 -14.85
C ASN C 217 -30.62 -19.09 -16.20
N LYS C 218 -31.74 -18.36 -16.17
CA LYS C 218 -32.45 -17.95 -17.37
C LYS C 218 -33.02 -16.54 -17.18
N1 GDN D . -11.17 -10.84 -0.06
CA1 GDN D . -10.71 -10.66 1.33
C1 GDN D . -9.27 -10.24 1.39
O11 GDN D . -8.49 -10.70 0.52
O12 GDN D . -8.91 -9.46 2.30
CB1 GDN D . -11.02 -11.93 2.11
CG1 GDN D . -10.92 -11.76 3.61
CD1 GDN D . -11.24 -13.04 4.37
OE1 GDN D . -11.88 -13.97 3.84
N2 GDN D . -10.80 -13.10 5.61
CA2 GDN D . -11.04 -14.23 6.44
C2 GDN D . -11.54 -13.78 7.78
O2 GDN D . -11.38 -14.48 8.76
CB2 GDN D . -10.00 -15.32 6.65
SG2 GDN D . -9.37 -15.99 5.08
N3 GDN D . -12.12 -12.59 7.83
CA3 GDN D . -12.66 -12.01 9.07
C3 GDN D . -14.17 -11.89 8.99
O31 GDN D . -14.76 -11.20 9.84
O32 GDN D . -14.76 -12.49 8.08
C1' GDN D . -10.24 -17.52 4.61
C2' GDN D . -9.71 -18.39 3.64
C3' GDN D . -10.39 -19.56 3.29
C4' GDN D . -11.60 -19.90 3.91
C5' GDN D . -12.13 -19.04 4.90
C6' GDN D . -11.46 -17.85 5.25
N2' GDN D . -8.43 -18.08 2.96
O2A GDN D . -8.23 -18.49 1.84
O2B GDN D . -7.61 -17.40 3.53
N4' GDN D . -12.29 -21.11 3.54
O4A GDN D . -13.35 -21.43 4.06
O4B GDN D . -11.80 -21.81 2.67
N1 GDN E . 27.45 17.26 20.65
CA1 GDN E . 26.20 16.52 20.85
C1 GDN E . 25.57 16.27 19.50
O11 GDN E . 25.69 17.15 18.65
O12 GDN E . 24.97 15.21 19.28
CB1 GDN E . 25.33 17.29 21.81
CG1 GDN E . 24.11 16.51 22.23
CD1 GDN E . 23.29 17.27 23.24
OE1 GDN E . 23.77 18.22 23.86
N2 GDN E . 22.06 16.81 23.44
CA2 GDN E . 21.17 17.42 24.40
C2 GDN E . 20.54 16.35 25.29
O2 GDN E . 19.57 16.61 25.97
CB2 GDN E . 20.12 18.28 23.70
SG2 GDN E . 20.67 19.63 22.65
N3 GDN E . 21.11 15.14 25.26
CA3 GDN E . 20.67 13.99 26.04
C3 GDN E . 21.36 13.92 27.39
O31 GDN E . 21.11 12.97 28.14
O32 GDN E . 22.15 14.81 27.69
C1' GDN E . 21.06 21.13 23.68
C2' GDN E . 21.47 22.33 23.03
C3' GDN E . 21.76 23.47 23.81
C4' GDN E . 21.65 23.44 25.21
C5' GDN E . 21.23 22.24 25.85
C6' GDN E . 20.94 21.09 25.08
N2' GDN E . 21.60 22.40 21.56
O2A GDN E . 22.20 23.33 21.05
O2B GDN E . 21.11 21.55 20.85
N4' GDN E . 21.95 24.63 25.99
O4A GDN E . 21.95 24.63 27.21
O4B GDN E . 22.24 25.64 25.39
N1 GDN F . -11.52 -13.99 -11.20
CA1 GDN F . -11.95 -14.22 -12.58
C1 GDN F . -12.45 -12.90 -13.16
O11 GDN F . -13.09 -12.15 -12.39
O12 GDN F . -12.20 -12.62 -14.35
CB1 GDN F . -13.00 -15.32 -12.64
CG1 GDN F . -13.32 -15.77 -14.04
CD1 GDN F . -14.37 -16.84 -14.04
OE1 GDN F . -14.78 -17.33 -13.00
N2 GDN F . -14.80 -17.21 -15.24
CA2 GDN F . -15.81 -18.24 -15.41
C2 GDN F . -15.51 -19.01 -16.69
O2 GDN F . -16.39 -19.62 -17.26
CB2 GDN F . -17.20 -17.61 -15.49
SG2 GDN F . -17.70 -16.67 -14.00
N3 GDN F . -14.27 -18.99 -17.13
CA3 GDN F . -13.87 -19.69 -18.34
C3 GDN F . -12.97 -20.83 -18.00
O31 GDN F . -12.39 -21.47 -18.91
O32 GDN F . -12.82 -21.11 -16.79
C1' GDN F . -18.46 -17.70 -12.71
C2' GDN F . -19.12 -17.09 -11.61
C3' GDN F . -19.68 -17.89 -10.60
C4' GDN F . -19.61 -19.30 -10.66
C5' GDN F . -18.96 -19.90 -11.77
C6' GDN F . -18.39 -19.11 -12.78
N2' GDN F . -19.20 -15.63 -11.51
O2A GDN F . -19.57 -15.12 -10.46
O2B GDN F . -18.91 -14.94 -12.45
N4' GDN F . -20.18 -20.11 -9.61
O4A GDN F . -20.11 -21.33 -9.63
O4B GDN F . -20.75 -19.56 -8.69
#